data_2C15
#
_entry.id   2C15
#
_cell.length_a   127.538
_cell.length_b   127.538
_cell.length_c   85.790
_cell.angle_alpha   90.00
_cell.angle_beta   90.00
_cell.angle_gamma   90.00
#
_symmetry.space_group_name_H-M   'P 4 21 2'
#
loop_
_entity.id
_entity.type
_entity.pdbx_description
1 polymer 'DELTA-AMINOLEVULINIC ACID DEHYDRATASE'
2 non-polymer 'MAGNESIUM ION'
3 water water
#
_entity_poly.entity_id   1
_entity_poly.type   'polypeptide(L)'
_entity_poly.pdbx_seq_one_letter_code
;MSFTPANRAYPYTRLRRNRRDDFSRRLVRENVLTVDDLILPVFVLDGVNQRESIPSMPGVERLSIDQLLIEAEEWVALGI
PALALFPVTPVEKKSLDAAEAYNPEGIAQRATRALRERFPELGIITDVALDPFTTHGQDGILDDDGYVLNDVSIDVLVRQ
ALSHAEAGAQVVAPSDMMDGRIGAIREALESAGHTNVRVMAYSAKYASAYYGPFRDAVGSASNLGKGNKATYQMDPANSD
EALHEVAADLAEGADMVMV(LET)PGMPYLDIVRRVKDEFRAPTFVYQVSGEYAMHMGAIQNGWLAESVILESLTAFKRA
GADGILTYFAKQAAEQLRRGR
;
_entity_poly.pdbx_strand_id   A,B
#
loop_
_chem_comp.id
_chem_comp.type
_chem_comp.name
_chem_comp.formula
MG non-polymer 'MAGNESIUM ION' 'Mg 2'
#
# COMPACT_ATOMS: atom_id res chain seq x y z
N PHE A 3 9.39 -14.86 17.47
CA PHE A 3 8.30 -15.88 17.32
C PHE A 3 8.91 -17.29 17.31
N THR A 4 8.12 -18.31 17.66
N THR A 4 8.06 -18.29 17.55
CA THR A 4 8.64 -19.67 17.71
CA THR A 4 8.45 -19.68 17.74
C THR A 4 7.90 -20.57 16.73
C THR A 4 7.81 -20.56 16.66
N PRO A 5 8.61 -21.07 15.70
CA PRO A 5 7.99 -21.95 14.68
C PRO A 5 7.44 -23.28 15.22
N ALA A 6 7.89 -23.69 16.41
CA ALA A 6 7.42 -24.90 17.08
C ALA A 6 7.61 -26.16 16.26
N ASN A 7 8.65 -26.17 15.43
N ASN A 7 8.64 -26.14 15.41
CA ASN A 7 9.02 -27.36 14.65
CA ASN A 7 9.05 -27.32 14.63
C ASN A 7 7.87 -27.89 13.78
C ASN A 7 8.01 -27.83 13.61
N ARG A 8 7.04 -26.98 13.28
CA ARG A 8 5.96 -27.37 12.35
C ARG A 8 6.56 -27.71 11.01
N ALA A 9 6.20 -28.88 10.48
CA ALA A 9 6.75 -29.32 9.21
C ALA A 9 5.73 -30.06 8.35
N TYR A 10 5.75 -29.79 7.05
CA TYR A 10 4.99 -30.58 6.10
C TYR A 10 5.50 -32.03 6.12
N PRO A 11 4.60 -33.02 5.95
CA PRO A 11 3.15 -32.94 5.78
C PRO A 11 2.31 -33.00 7.05
N TYR A 12 2.93 -33.11 8.22
N TYR A 12 2.94 -33.12 8.22
CA TYR A 12 2.13 -33.11 9.46
CA TYR A 12 2.20 -33.08 9.49
C TYR A 12 1.40 -31.78 9.59
C TYR A 12 1.41 -31.78 9.55
N THR A 13 2.08 -30.69 9.22
CA THR A 13 1.48 -29.38 9.11
C THR A 13 1.24 -29.06 7.63
N ARG A 14 -0.04 -28.93 7.28
CA ARG A 14 -0.48 -28.44 5.98
C ARG A 14 -1.33 -27.22 6.25
N LEU A 15 -0.81 -26.04 5.91
CA LEU A 15 -1.55 -24.81 6.21
C LEU A 15 -2.82 -24.65 5.36
N ARG A 16 -2.98 -25.47 4.33
CA ARG A 16 -4.22 -25.45 3.56
C ARG A 16 -5.42 -26.06 4.29
N ARG A 17 -5.19 -26.83 5.36
CA ARG A 17 -6.33 -27.48 6.03
C ARG A 17 -7.30 -26.42 6.54
N ASN A 18 -6.80 -25.42 7.26
CA ASN A 18 -7.71 -24.38 7.77
C ASN A 18 -8.34 -23.58 6.63
N ARG A 19 -7.68 -23.55 5.48
CA ARG A 19 -8.22 -22.86 4.32
C ARG A 19 -9.27 -23.67 3.55
N ARG A 20 -9.49 -24.92 3.94
CA ARG A 20 -10.29 -25.84 3.12
C ARG A 20 -11.73 -25.41 2.99
N ASP A 21 -12.30 -24.89 4.07
CA ASP A 21 -13.73 -24.57 4.14
C ASP A 21 -13.93 -23.16 4.67
N ASP A 22 -15.01 -22.52 4.22
CA ASP A 22 -15.37 -21.21 4.72
C ASP A 22 -15.45 -21.22 6.26
N PHE A 23 -16.04 -22.25 6.85
CA PHE A 23 -16.25 -22.19 8.32
C PHE A 23 -14.91 -22.12 9.05
N SER A 24 -13.89 -22.86 8.59
CA SER A 24 -12.61 -22.86 9.29
C SER A 24 -11.81 -21.59 8.97
N ARG A 25 -11.95 -21.06 7.75
CA ARG A 25 -11.38 -19.75 7.44
C ARG A 25 -11.94 -18.69 8.38
N ARG A 26 -13.25 -18.75 8.63
N ARG A 26 -13.26 -18.76 8.62
CA ARG A 26 -13.92 -17.80 9.51
CA ARG A 26 -13.94 -17.81 9.50
C ARG A 26 -13.42 -17.92 10.95
C ARG A 26 -13.51 -17.94 10.97
N LEU A 27 -13.24 -19.17 11.40
CA LEU A 27 -12.77 -19.41 12.77
C LEU A 27 -11.36 -18.87 13.01
N VAL A 28 -10.48 -19.01 12.02
CA VAL A 28 -9.08 -18.62 12.25
C VAL A 28 -8.75 -17.21 11.78
N ARG A 29 -9.73 -16.56 11.15
CA ARG A 29 -9.57 -15.19 10.61
C ARG A 29 -9.06 -14.24 11.70
N GLU A 30 -7.93 -13.57 11.44
CA GLU A 30 -7.24 -12.85 12.52
C GLU A 30 -7.75 -11.44 12.77
N ASN A 31 -8.38 -10.85 11.76
CA ASN A 31 -8.84 -9.47 11.82
C ASN A 31 -10.12 -9.29 11.03
N VAL A 32 -10.98 -8.39 11.51
N VAL A 32 -11.00 -8.45 11.55
CA VAL A 32 -12.27 -8.09 10.86
CA VAL A 32 -12.13 -8.01 10.77
C VAL A 32 -12.51 -6.57 10.89
C VAL A 32 -12.20 -6.50 10.76
N LEU A 33 -12.82 -5.99 9.72
CA LEU A 33 -13.19 -4.58 9.64
C LEU A 33 -14.64 -4.45 10.07
N THR A 34 -14.94 -3.43 10.88
CA THR A 34 -16.33 -3.11 11.20
C THR A 34 -16.55 -1.61 11.01
N VAL A 35 -17.80 -1.19 11.13
N VAL A 35 -17.81 -1.19 10.96
CA VAL A 35 -18.12 0.24 11.05
CA VAL A 35 -18.15 0.21 10.64
C VAL A 35 -17.54 1.04 12.24
C VAL A 35 -17.55 1.16 11.69
N ASP A 36 -17.26 0.37 13.36
N ASP A 36 -17.37 0.63 12.90
CA ASP A 36 -16.54 1.00 14.48
CA ASP A 36 -16.81 1.39 14.03
C ASP A 36 -15.21 1.60 14.02
C ASP A 36 -15.37 1.85 13.78
N ASP A 37 -14.70 1.16 12.87
CA ASP A 37 -13.32 1.51 12.46
C ASP A 37 -13.23 2.70 11.51
N LEU A 38 -14.38 3.22 11.08
CA LEU A 38 -14.40 4.15 9.94
C LEU A 38 -14.65 5.59 10.34
N ILE A 39 -13.83 6.49 9.78
CA ILE A 39 -14.02 7.92 9.91
C ILE A 39 -14.12 8.48 8.50
N LEU A 40 -15.15 9.29 8.24
CA LEU A 40 -15.37 9.84 6.90
C LEU A 40 -14.91 11.29 6.80
N PRO A 41 -13.88 11.57 5.99
CA PRO A 41 -13.53 12.96 5.73
C PRO A 41 -14.55 13.59 4.78
N VAL A 42 -14.86 14.87 5.02
N VAL A 42 -14.88 14.86 5.05
CA VAL A 42 -15.83 15.60 4.21
CA VAL A 42 -15.83 15.62 4.23
C VAL A 42 -15.34 17.00 3.90
C VAL A 42 -15.21 16.96 3.86
N PHE A 43 -15.52 17.44 2.66
CA PHE A 43 -15.10 18.77 2.21
C PHE A 43 -16.28 19.71 2.27
N VAL A 44 -16.13 20.81 3.01
CA VAL A 44 -17.26 21.67 3.32
C VAL A 44 -17.13 23.04 2.66
N LEU A 45 -18.18 23.38 1.90
CA LEU A 45 -18.26 24.65 1.19
C LEU A 45 -18.97 25.72 2.00
N ASP A 46 -18.68 26.97 1.67
N ASP A 46 -18.68 26.97 1.64
CA ASP A 46 -19.44 28.09 2.16
CA ASP A 46 -19.40 28.14 2.11
C ASP A 46 -20.79 28.12 1.42
C ASP A 46 -20.73 28.24 1.34
N GLY A 47 -21.73 28.92 1.91
CA GLY A 47 -23.00 29.12 1.22
C GLY A 47 -24.06 28.06 1.43
N VAL A 48 -25.04 28.05 0.53
CA VAL A 48 -26.26 27.28 0.69
C VAL A 48 -26.59 26.55 -0.62
N ASN A 49 -27.00 25.29 -0.50
N ASN A 49 -27.14 25.34 -0.49
CA ASN A 49 -27.32 24.46 -1.66
CA ASN A 49 -27.69 24.55 -1.61
C ASN A 49 -26.16 24.36 -2.68
C ASN A 49 -26.66 24.19 -2.68
N GLN A 50 -24.94 24.11 -2.18
N GLN A 50 -25.42 24.00 -2.23
CA GLN A 50 -23.78 23.95 -3.03
CA GLN A 50 -24.25 23.79 -3.11
C GLN A 50 -23.33 22.48 -2.98
C GLN A 50 -23.66 22.39 -3.02
N ARG A 51 -23.16 21.89 -4.16
CA ARG A 51 -22.59 20.56 -4.30
C ARG A 51 -21.66 20.59 -5.51
N GLU A 52 -20.40 20.21 -5.31
CA GLU A 52 -19.41 20.25 -6.38
C GLU A 52 -18.65 18.95 -6.48
N SER A 53 -18.54 18.43 -7.69
N SER A 53 -18.56 18.40 -7.68
CA SER A 53 -17.75 17.21 -7.93
CA SER A 53 -17.75 17.21 -7.89
C SER A 53 -16.27 17.55 -8.05
C SER A 53 -16.27 17.57 -7.93
N ILE A 54 -15.43 16.58 -7.69
CA ILE A 54 -13.99 16.75 -7.70
C ILE A 54 -13.45 15.76 -8.72
N PRO A 55 -12.97 16.26 -9.89
CA PRO A 55 -12.53 15.34 -10.96
C PRO A 55 -11.50 14.31 -10.51
N SER A 56 -10.55 14.72 -9.66
CA SER A 56 -9.47 13.81 -9.24
C SER A 56 -9.87 12.93 -8.07
N MET A 57 -11.11 13.06 -7.59
CA MET A 57 -11.67 12.17 -6.56
C MET A 57 -13.08 11.73 -6.97
N PRO A 58 -13.18 10.85 -7.97
CA PRO A 58 -14.50 10.47 -8.49
C PRO A 58 -15.41 9.97 -7.37
N GLY A 59 -16.64 10.49 -7.34
CA GLY A 59 -17.62 10.06 -6.35
C GLY A 59 -17.64 10.90 -5.09
N VAL A 60 -16.66 11.78 -4.94
CA VAL A 60 -16.60 12.67 -3.78
C VAL A 60 -17.08 14.05 -4.16
N GLU A 61 -17.89 14.66 -3.29
CA GLU A 61 -18.40 16.01 -3.53
C GLU A 61 -18.03 16.93 -2.38
N ARG A 62 -17.77 18.20 -2.71
CA ARG A 62 -17.73 19.27 -1.72
C ARG A 62 -19.19 19.65 -1.45
N LEU A 63 -19.53 19.89 -0.19
CA LEU A 63 -20.92 20.14 0.23
C LEU A 63 -21.04 21.37 1.10
N SER A 64 -22.04 22.22 0.82
CA SER A 64 -22.37 23.27 1.76
C SER A 64 -22.97 22.63 3.02
N ILE A 65 -23.01 23.41 4.10
CA ILE A 65 -23.42 22.89 5.40
C ILE A 65 -24.85 22.29 5.37
N ASP A 66 -25.78 22.95 4.68
CA ASP A 66 -27.12 22.38 4.57
C ASP A 66 -27.14 21.01 3.90
N GLN A 67 -26.30 20.84 2.88
CA GLN A 67 -26.21 19.57 2.15
C GLN A 67 -25.49 18.52 2.99
N LEU A 68 -24.45 18.96 3.70
N LEU A 68 -24.47 18.96 3.73
CA LEU A 68 -23.73 18.13 4.66
CA LEU A 68 -23.73 18.11 4.66
C LEU A 68 -24.67 17.53 5.70
C LEU A 68 -24.67 17.53 5.71
N LEU A 69 -25.56 18.35 6.25
CA LEU A 69 -26.53 17.89 7.26
C LEU A 69 -27.48 16.82 6.72
N ILE A 70 -27.89 16.98 5.46
CA ILE A 70 -28.74 15.99 4.79
C ILE A 70 -27.99 14.68 4.58
N GLU A 71 -26.76 14.75 4.05
CA GLU A 71 -26.00 13.53 3.78
C GLU A 71 -25.63 12.81 5.08
N ALA A 72 -25.35 13.58 6.12
CA ALA A 72 -24.98 13.00 7.43
C ALA A 72 -26.08 12.13 8.06
N GLU A 73 -27.33 12.37 7.68
CA GLU A 73 -28.43 11.51 8.14
C GLU A 73 -28.14 10.04 7.79
N GLU A 74 -27.73 9.79 6.55
N GLU A 74 -27.70 9.82 6.55
CA GLU A 74 -27.42 8.42 6.14
CA GLU A 74 -27.39 8.49 6.04
C GLU A 74 -26.11 7.92 6.74
C GLU A 74 -26.11 7.93 6.67
N TRP A 75 -25.11 8.79 6.85
CA TRP A 75 -23.85 8.39 7.50
C TRP A 75 -24.11 7.90 8.92
N VAL A 76 -24.95 8.63 9.65
CA VAL A 76 -25.33 8.26 11.00
C VAL A 76 -26.13 6.95 10.99
N ALA A 77 -27.09 6.82 10.07
CA ALA A 77 -27.88 5.58 9.98
C ALA A 77 -27.02 4.35 9.71
N LEU A 78 -25.95 4.53 8.95
CA LEU A 78 -25.00 3.44 8.65
C LEU A 78 -24.07 3.10 9.82
N GLY A 79 -24.05 3.96 10.83
CA GLY A 79 -23.27 3.72 12.03
C GLY A 79 -21.85 4.28 12.01
N ILE A 80 -21.54 5.13 11.03
CA ILE A 80 -20.20 5.74 10.97
C ILE A 80 -19.98 6.61 12.21
N PRO A 81 -18.95 6.28 13.01
CA PRO A 81 -18.81 6.96 14.30
C PRO A 81 -18.41 8.43 14.25
N ALA A 82 -17.70 8.84 13.21
CA ALA A 82 -17.16 10.20 13.18
C ALA A 82 -16.89 10.71 11.78
N LEU A 83 -16.94 12.04 11.65
CA LEU A 83 -16.52 12.73 10.43
C LEU A 83 -15.27 13.55 10.73
N ALA A 84 -14.44 13.73 9.70
CA ALA A 84 -13.31 14.65 9.76
C ALA A 84 -13.59 15.79 8.79
N LEU A 85 -13.69 17.01 9.31
CA LEU A 85 -14.12 18.14 8.49
C LEU A 85 -12.95 18.87 7.85
N PHE A 86 -13.09 19.16 6.56
CA PHE A 86 -12.08 19.93 5.82
C PHE A 86 -12.76 21.05 5.08
N PRO A 87 -12.62 22.29 5.59
CA PRO A 87 -13.24 23.44 4.94
C PRO A 87 -12.57 23.81 3.63
N VAL A 88 -13.39 24.22 2.66
CA VAL A 88 -12.91 24.71 1.36
C VAL A 88 -12.94 26.23 1.44
N THR A 89 -11.83 26.81 1.87
CA THR A 89 -11.80 28.22 2.21
C THR A 89 -11.94 29.10 0.96
N PRO A 90 -12.85 30.08 1.00
CA PRO A 90 -12.88 31.03 -0.11
C PRO A 90 -11.54 31.72 -0.32
N VAL A 91 -11.19 31.92 -1.58
CA VAL A 91 -9.91 32.52 -1.96
C VAL A 91 -9.66 33.84 -1.22
N GLU A 92 -10.67 34.68 -1.10
N GLU A 92 -10.71 34.63 -1.08
CA GLU A 92 -10.47 36.00 -0.50
CA GLU A 92 -10.66 35.97 -0.50
C GLU A 92 -10.17 35.96 1.00
C GLU A 92 -10.43 35.99 1.01
N LYS A 93 -10.44 34.81 1.62
CA LYS A 93 -10.24 34.69 3.08
C LYS A 93 -8.88 34.11 3.44
N LYS A 94 -8.07 33.86 2.42
CA LYS A 94 -6.69 33.42 2.61
C LYS A 94 -5.79 34.63 2.82
N SER A 95 -4.82 34.50 3.71
CA SER A 95 -3.94 35.61 4.09
C SER A 95 -2.59 35.10 4.57
N LEU A 96 -1.63 36.01 4.78
CA LEU A 96 -0.36 35.64 5.41
C LEU A 96 -0.54 35.19 6.86
N ASP A 97 -1.48 35.81 7.58
CA ASP A 97 -1.60 35.56 9.01
C ASP A 97 -2.51 34.38 9.34
N ALA A 98 -3.17 33.83 8.32
CA ALA A 98 -4.07 32.68 8.50
C ALA A 98 -5.16 32.92 9.55
N ALA A 99 -5.55 34.19 9.74
CA ALA A 99 -6.51 34.53 10.80
C ALA A 99 -7.86 33.81 10.68
N GLU A 100 -8.24 33.46 9.45
CA GLU A 100 -9.51 32.79 9.24
C GLU A 100 -9.54 31.44 9.99
N ALA A 101 -8.36 30.90 10.30
CA ALA A 101 -8.26 29.62 11.01
C ALA A 101 -9.02 29.64 12.33
N TYR A 102 -9.01 30.79 13.01
CA TYR A 102 -9.64 30.90 14.33
C TYR A 102 -10.90 31.77 14.33
N ASN A 103 -11.43 32.06 13.14
CA ASN A 103 -12.67 32.83 13.03
C ASN A 103 -13.83 32.01 13.59
N PRO A 104 -14.54 32.51 14.62
CA PRO A 104 -15.68 31.73 15.12
C PRO A 104 -16.78 31.54 14.09
N GLU A 105 -16.74 32.33 13.02
CA GLU A 105 -17.69 32.20 11.91
C GLU A 105 -17.07 31.57 10.66
N GLY A 106 -15.90 30.94 10.82
CA GLY A 106 -15.30 30.21 9.70
C GLY A 106 -16.12 28.98 9.37
N ILE A 107 -15.90 28.42 8.18
CA ILE A 107 -16.67 27.24 7.74
C ILE A 107 -16.58 26.09 8.75
N ALA A 108 -15.36 25.76 9.17
CA ALA A 108 -15.17 24.65 10.11
C ALA A 108 -15.98 24.82 11.38
N GLN A 109 -15.92 26.03 11.93
CA GLN A 109 -16.62 26.34 13.17
C GLN A 109 -18.13 26.26 13.00
N ARG A 110 -18.63 26.87 11.91
N ARG A 110 -18.66 26.84 11.92
CA ARG A 110 -20.07 26.85 11.62
CA ARG A 110 -20.10 26.82 11.69
C ARG A 110 -20.57 25.42 11.42
C ARG A 110 -20.64 25.43 11.33
N ALA A 111 -19.81 24.63 10.66
CA ALA A 111 -20.18 23.26 10.36
C ALA A 111 -20.21 22.41 11.63
N THR A 112 -19.21 22.62 12.49
CA THR A 112 -19.14 21.92 13.77
C THR A 112 -20.38 22.22 14.63
N ARG A 113 -20.72 23.50 14.77
N ARG A 113 -20.71 23.50 14.77
CA ARG A 113 -21.88 23.84 15.59
CA ARG A 113 -21.89 23.86 15.57
C ARG A 113 -23.16 23.23 15.03
C ARG A 113 -23.15 23.20 15.03
N ALA A 114 -23.31 23.22 13.71
CA ALA A 114 -24.50 22.69 13.07
C ALA A 114 -24.62 21.17 13.28
N LEU A 115 -23.51 20.46 13.10
CA LEU A 115 -23.51 19.00 13.22
C LEU A 115 -23.67 18.56 14.68
N ARG A 116 -23.02 19.28 15.61
CA ARG A 116 -23.12 18.93 17.03
C ARG A 116 -24.56 19.06 17.54
N GLU A 117 -25.28 20.05 17.01
N GLU A 117 -25.28 20.05 17.01
CA GLU A 117 -26.68 20.28 17.37
CA GLU A 117 -26.68 20.28 17.37
C GLU A 117 -27.59 19.21 16.78
C GLU A 117 -27.59 19.21 16.78
N ARG A 118 -27.38 18.91 15.50
CA ARG A 118 -28.26 17.99 14.76
C ARG A 118 -28.04 16.51 15.11
N PHE A 119 -26.78 16.12 15.26
CA PHE A 119 -26.42 14.73 15.52
C PHE A 119 -25.52 14.65 16.75
N PRO A 120 -26.12 14.76 17.96
CA PRO A 120 -25.30 14.86 19.18
C PRO A 120 -24.32 13.72 19.44
N GLU A 121 -24.60 12.53 18.90
CA GLU A 121 -23.74 11.35 19.14
C GLU A 121 -22.64 11.16 18.10
N LEU A 122 -22.68 11.95 17.03
CA LEU A 122 -21.73 11.81 15.93
C LEU A 122 -20.42 12.52 16.30
N GLY A 123 -19.29 11.81 16.17
CA GLY A 123 -18.00 12.44 16.45
C GLY A 123 -17.62 13.44 15.37
N ILE A 124 -17.17 14.62 15.78
CA ILE A 124 -16.69 15.63 14.85
C ILE A 124 -15.22 15.88 15.14
N ILE A 125 -14.39 15.65 14.13
CA ILE A 125 -12.95 15.80 14.23
C ILE A 125 -12.58 16.97 13.35
N THR A 126 -12.15 18.07 13.95
CA THR A 126 -11.77 19.25 13.18
C THR A 126 -10.29 19.19 12.83
N ASP A 127 -9.92 19.91 11.77
CA ASP A 127 -8.56 19.92 11.29
C ASP A 127 -7.85 21.15 11.83
N VAL A 128 -6.76 20.92 12.55
CA VAL A 128 -5.95 22.01 13.04
C VAL A 128 -4.71 22.08 12.15
N ALA A 129 -4.69 23.13 11.32
CA ALA A 129 -3.69 23.32 10.27
C ALA A 129 -3.97 24.67 9.62
N LEU A 130 -2.93 25.30 9.10
CA LEU A 130 -3.10 26.64 8.51
C LEU A 130 -3.12 26.65 7.00
N ASP A 131 -2.84 25.51 6.36
CA ASP A 131 -2.78 25.47 4.90
C ASP A 131 -4.07 25.81 4.15
N PRO A 132 -5.26 25.58 4.75
CA PRO A 132 -6.46 26.08 4.07
C PRO A 132 -6.60 27.59 4.09
N PHE A 133 -5.76 28.27 4.86
CA PHE A 133 -5.98 29.69 5.16
C PHE A 133 -4.85 30.60 4.72
N THR A 134 -3.74 30.02 4.26
CA THR A 134 -2.59 30.82 3.87
C THR A 134 -2.59 31.03 2.36
N THR A 135 -2.13 32.20 1.93
CA THR A 135 -1.98 32.50 0.51
C THR A 135 -0.96 31.57 -0.18
N HIS A 136 0.03 31.11 0.57
N HIS A 136 0.03 31.10 0.57
CA HIS A 136 1.10 30.27 0.04
CA HIS A 136 1.10 30.26 0.03
C HIS A 136 0.84 28.76 0.10
C HIS A 136 0.88 28.75 0.16
N GLY A 137 -0.23 28.35 0.80
CA GLY A 137 -0.56 26.93 0.94
C GLY A 137 0.29 26.10 1.90
N GLN A 138 1.20 26.74 2.63
CA GLN A 138 1.99 26.02 3.63
C GLN A 138 1.21 25.92 4.94
N ASP A 139 1.59 24.97 5.80
N ASP A 139 1.58 24.95 5.78
CA ASP A 139 0.79 24.63 6.98
CA ASP A 139 0.85 24.61 7.00
C ASP A 139 0.99 25.59 8.15
C ASP A 139 1.01 25.59 8.15
N GLY A 140 1.91 26.54 7.98
CA GLY A 140 2.22 27.55 9.00
C GLY A 140 2.57 28.92 8.44
N ILE A 141 3.06 29.80 9.31
CA ILE A 141 3.42 31.17 8.96
C ILE A 141 4.86 31.21 8.44
N LEU A 142 5.07 31.93 7.33
CA LEU A 142 6.40 32.01 6.71
C LEU A 142 7.23 33.16 7.25
N ASP A 143 8.52 32.91 7.44
CA ASP A 143 9.45 33.98 7.73
C ASP A 143 9.89 34.66 6.44
N ASP A 144 10.80 35.63 6.52
CA ASP A 144 11.22 36.38 5.33
C ASP A 144 12.07 35.55 4.37
N ASP A 145 12.54 34.39 4.82
CA ASP A 145 13.29 33.47 3.97
C ASP A 145 12.41 32.39 3.35
N GLY A 146 11.10 32.45 3.62
CA GLY A 146 10.18 31.49 3.05
C GLY A 146 10.06 30.19 3.84
N TYR A 147 10.61 30.20 5.06
CA TYR A 147 10.59 29.02 5.92
C TYR A 147 9.35 29.03 6.81
N VAL A 148 8.72 27.87 6.98
CA VAL A 148 7.57 27.75 7.88
C VAL A 148 8.04 27.77 9.33
N LEU A 149 7.79 28.91 9.99
CA LEU A 149 8.19 29.11 11.40
C LEU A 149 7.46 28.14 12.31
N ASN A 150 8.20 27.51 13.22
CA ASN A 150 7.59 26.52 14.06
C ASN A 150 6.71 27.12 15.16
N ASP A 151 7.34 27.86 16.08
CA ASP A 151 6.61 28.28 17.28
C ASP A 151 5.57 29.36 17.01
N VAL A 152 5.87 30.27 16.07
CA VAL A 152 4.89 31.29 15.69
C VAL A 152 3.64 30.64 15.10
N SER A 153 3.84 29.59 14.31
CA SER A 153 2.70 28.85 13.77
C SER A 153 1.91 28.16 14.88
N ILE A 154 2.59 27.56 15.83
CA ILE A 154 1.90 26.96 16.99
C ILE A 154 0.93 27.96 17.63
N ASP A 155 1.35 29.21 17.79
CA ASP A 155 0.47 30.20 18.43
C ASP A 155 -0.86 30.31 17.68
N VAL A 156 -0.81 30.27 16.36
CA VAL A 156 -2.04 30.37 15.56
C VAL A 156 -2.85 29.08 15.66
N LEU A 157 -2.17 27.94 15.60
CA LEU A 157 -2.82 26.63 15.73
C LEU A 157 -3.54 26.49 17.06
N VAL A 158 -2.94 27.03 18.12
CA VAL A 158 -3.58 27.04 19.45
C VAL A 158 -4.90 27.84 19.42
N ARG A 159 -4.88 29.02 18.80
N ARG A 159 -4.87 29.02 18.81
CA ARG A 159 -6.11 29.81 18.69
CA ARG A 159 -6.08 29.84 18.67
C ARG A 159 -7.16 29.05 17.90
C ARG A 159 -7.16 29.10 17.87
N GLN A 160 -6.73 28.41 16.82
CA GLN A 160 -7.62 27.59 15.99
C GLN A 160 -8.25 26.44 16.79
N ALA A 161 -7.41 25.66 17.47
CA ALA A 161 -7.89 24.54 18.27
C ALA A 161 -8.88 25.00 19.34
N LEU A 162 -8.59 26.10 20.02
CA LEU A 162 -9.53 26.63 21.01
C LEU A 162 -10.87 27.00 20.37
N SER A 163 -10.83 27.58 19.17
CA SER A 163 -12.06 27.97 18.48
C SER A 163 -12.88 26.73 18.11
N HIS A 164 -12.21 25.63 17.79
CA HIS A 164 -12.92 24.38 17.50
C HIS A 164 -13.56 23.80 18.75
N ALA A 165 -12.84 23.84 19.87
CA ALA A 165 -13.36 23.36 21.14
C ALA A 165 -14.58 24.18 21.53
N GLU A 166 -14.49 25.51 21.34
CA GLU A 166 -15.62 26.40 21.66
C GLU A 166 -16.85 26.06 20.80
N ALA A 167 -16.60 25.66 19.55
CA ALA A 167 -17.67 25.27 18.63
C ALA A 167 -18.29 23.90 18.96
N GLY A 168 -17.66 23.17 19.87
CA GLY A 168 -18.18 21.88 20.32
C GLY A 168 -17.51 20.64 19.76
N ALA A 169 -16.42 20.79 19.01
CA ALA A 169 -15.76 19.60 18.46
C ALA A 169 -15.31 18.69 19.59
N GLN A 170 -15.58 17.40 19.46
CA GLN A 170 -15.09 16.45 20.48
C GLN A 170 -13.61 16.10 20.29
N VAL A 171 -13.13 16.23 19.06
CA VAL A 171 -11.75 15.90 18.70
C VAL A 171 -11.19 17.02 17.83
N VAL A 172 -9.99 17.48 18.16
CA VAL A 172 -9.22 18.34 17.26
C VAL A 172 -8.02 17.53 16.77
N ALA A 173 -7.70 17.65 15.49
CA ALA A 173 -6.67 16.83 14.87
C ALA A 173 -5.62 17.70 14.20
N PRO A 174 -4.53 18.02 14.92
CA PRO A 174 -3.46 18.81 14.34
C PRO A 174 -2.69 18.05 13.27
N SER A 175 -2.81 18.54 12.05
CA SER A 175 -2.24 17.87 10.87
C SER A 175 -1.03 18.62 10.31
N ASP A 176 -0.57 19.59 11.08
CA ASP A 176 0.41 20.59 10.68
C ASP A 176 1.87 20.17 10.69
N MET A 177 2.23 19.18 11.50
CA MET A 177 3.64 18.73 11.65
C MET A 177 4.63 19.80 12.12
N MET A 178 4.16 20.72 12.96
CA MET A 178 5.08 21.59 13.70
C MET A 178 5.57 20.80 14.91
N ASP A 179 6.83 21.00 15.30
CA ASP A 179 7.33 20.32 16.50
C ASP A 179 6.63 20.88 17.73
N GLY A 180 6.30 20.01 18.67
CA GLY A 180 5.75 20.42 19.95
C GLY A 180 4.31 20.94 19.96
N ARG A 181 3.61 20.88 18.83
CA ARG A 181 2.29 21.52 18.81
C ARG A 181 1.25 20.77 19.64
N ILE A 182 1.41 19.46 19.78
CA ILE A 182 0.47 18.69 20.58
C ILE A 182 0.49 19.18 22.03
N GLY A 183 1.67 19.34 22.60
CA GLY A 183 1.76 19.81 23.99
C GLY A 183 1.22 21.23 24.18
N ALA A 184 1.50 22.10 23.22
CA ALA A 184 1.00 23.48 23.28
C ALA A 184 -0.52 23.49 23.23
N ILE A 185 -1.08 22.70 22.32
CA ILE A 185 -2.54 22.65 22.17
C ILE A 185 -3.18 22.04 23.42
N ARG A 186 -2.57 20.97 23.94
CA ARG A 186 -3.08 20.33 25.14
C ARG A 186 -3.07 21.28 26.34
N GLU A 187 -1.96 21.98 26.52
CA GLU A 187 -1.84 22.95 27.62
C GLU A 187 -2.94 24.00 27.52
N ALA A 188 -3.17 24.50 26.30
CA ALA A 188 -4.22 25.51 26.06
C ALA A 188 -5.61 24.96 26.33
N LEU A 189 -5.90 23.75 25.86
CA LEU A 189 -7.20 23.14 26.11
C LEU A 189 -7.45 22.96 27.61
N GLU A 190 -6.42 22.46 28.31
CA GLU A 190 -6.54 22.28 29.76
C GLU A 190 -6.78 23.58 30.50
N SER A 191 -6.00 24.61 30.20
N SER A 191 -5.99 24.60 30.19
N SER A 191 -6.01 24.62 30.19
CA SER A 191 -6.12 25.91 30.86
CA SER A 191 -6.11 25.92 30.85
CA SER A 191 -6.12 25.90 30.89
C SER A 191 -7.52 26.50 30.66
C SER A 191 -7.50 26.51 30.65
C SER A 191 -7.44 26.62 30.59
N ALA A 192 -8.07 26.30 29.46
CA ALA A 192 -9.38 26.85 29.10
C ALA A 192 -10.55 26.00 29.57
N GLY A 193 -10.27 24.87 30.22
CA GLY A 193 -11.32 24.01 30.76
C GLY A 193 -11.88 23.00 29.78
N HIS A 194 -11.20 22.84 28.64
CA HIS A 194 -11.64 21.85 27.65
C HIS A 194 -11.02 20.49 27.96
N THR A 195 -11.37 20.00 29.13
CA THR A 195 -10.78 18.83 29.76
C THR A 195 -10.87 17.57 28.89
N ASN A 196 -11.99 17.44 28.18
CA ASN A 196 -12.29 16.20 27.48
C ASN A 196 -12.20 16.28 25.96
N VAL A 197 -11.75 17.42 25.44
CA VAL A 197 -11.52 17.52 24.01
C VAL A 197 -10.34 16.62 23.65
N ARG A 198 -10.59 15.64 22.79
CA ARG A 198 -9.52 14.75 22.36
C ARG A 198 -8.59 15.44 21.35
N VAL A 199 -7.32 15.05 21.38
CA VAL A 199 -6.35 15.47 20.40
C VAL A 199 -5.91 14.24 19.62
N MET A 200 -6.23 14.23 18.34
CA MET A 200 -5.81 13.18 17.44
C MET A 200 -4.59 13.71 16.67
N ALA A 201 -3.40 13.34 17.14
CA ALA A 201 -2.17 13.85 16.53
C ALA A 201 -1.90 13.20 15.18
N TYR A 202 -1.67 14.00 14.14
CA TYR A 202 -1.03 13.45 12.95
C TYR A 202 0.44 13.36 13.29
N SER A 203 0.87 12.19 13.76
CA SER A 203 2.20 12.06 14.37
C SER A 203 3.31 11.82 13.37
N ALA A 204 3.09 10.79 12.54
CA ALA A 204 4.03 10.40 11.49
C ALA A 204 3.34 10.69 10.16
N LYS A 205 3.44 11.94 9.74
CA LYS A 205 2.81 12.40 8.50
C LYS A 205 3.92 12.72 7.52
N TYR A 206 3.91 12.01 6.39
CA TYR A 206 5.01 12.04 5.42
C TYR A 206 4.85 13.08 4.32
N ALA A 207 5.99 13.55 3.81
CA ALA A 207 6.05 14.51 2.72
C ALA A 207 5.77 13.78 1.43
N SER A 208 4.50 13.50 1.21
CA SER A 208 4.07 12.55 0.19
C SER A 208 3.56 13.20 -1.08
N ALA A 209 3.61 12.45 -2.18
CA ALA A 209 2.99 12.83 -3.44
C ALA A 209 1.53 12.32 -3.56
N TYR A 210 1.07 11.55 -2.57
CA TYR A 210 -0.29 11.00 -2.62
C TYR A 210 -1.38 11.99 -2.19
N TYR A 211 -1.00 13.22 -1.83
CA TYR A 211 -1.95 14.25 -1.39
C TYR A 211 -2.53 15.11 -2.51
N GLY A 212 -2.06 14.91 -3.75
CA GLY A 212 -2.48 15.75 -4.86
C GLY A 212 -3.98 16.01 -4.96
N PRO A 213 -4.79 14.92 -5.03
CA PRO A 213 -6.23 15.17 -5.17
C PRO A 213 -6.88 15.96 -4.02
N PHE A 214 -6.41 15.76 -2.79
CA PHE A 214 -6.90 16.52 -1.63
C PHE A 214 -6.65 18.01 -1.80
N ARG A 215 -5.46 18.36 -2.26
CA ARG A 215 -5.10 19.77 -2.45
C ARG A 215 -6.03 20.40 -3.49
N ASP A 216 -6.48 19.62 -4.47
CA ASP A 216 -7.54 20.05 -5.40
C ASP A 216 -8.86 20.24 -4.68
N ALA A 217 -9.26 19.22 -3.91
CA ALA A 217 -10.53 19.22 -3.21
C ALA A 217 -10.72 20.42 -2.28
N VAL A 218 -9.68 20.76 -1.52
CA VAL A 218 -9.77 21.85 -0.55
C VAL A 218 -9.45 23.21 -1.14
N GLY A 219 -8.83 23.21 -2.33
CA GLY A 219 -8.46 24.44 -3.02
C GLY A 219 -7.14 25.06 -2.57
N SER A 220 -6.25 24.26 -2.00
CA SER A 220 -4.92 24.75 -1.63
C SER A 220 -3.91 24.53 -2.75
N ALA A 221 -4.30 23.76 -3.77
CA ALA A 221 -3.41 23.40 -4.87
C ALA A 221 -2.87 24.62 -5.59
N SER A 222 -3.77 25.56 -5.91
CA SER A 222 -3.36 26.77 -6.62
C SER A 222 -2.37 27.59 -5.80
N ASN A 223 -2.58 27.63 -4.49
CA ASN A 223 -1.75 28.41 -3.58
C ASN A 223 -0.36 27.84 -3.39
N LEU A 224 -0.30 26.52 -3.23
CA LEU A 224 0.96 25.84 -3.03
C LEU A 224 1.81 25.84 -4.29
N GLY A 225 1.15 25.75 -5.45
CA GLY A 225 1.87 25.64 -6.72
C GLY A 225 2.82 24.46 -6.69
N LYS A 226 4.09 24.70 -6.97
CA LYS A 226 5.11 23.65 -6.98
C LYS A 226 5.78 23.46 -5.62
N GLY A 227 5.26 24.14 -4.60
CA GLY A 227 5.87 24.13 -3.27
C GLY A 227 5.88 22.77 -2.61
N ASN A 228 6.78 22.58 -1.66
CA ASN A 228 6.89 21.33 -0.95
C ASN A 228 6.90 21.54 0.57
N LYS A 229 6.86 20.45 1.32
CA LYS A 229 6.76 20.53 2.77
C LYS A 229 7.87 19.71 3.44
N ALA A 230 8.99 19.55 2.75
CA ALA A 230 10.08 18.69 3.24
C ALA A 230 10.75 19.19 4.54
N THR A 231 10.55 20.45 4.90
CA THR A 231 11.14 20.93 6.14
C THR A 231 10.28 20.63 7.37
N TYR A 232 9.13 20.01 7.16
CA TYR A 232 8.28 19.64 8.31
C TYR A 232 7.65 18.26 8.19
N GLN A 233 7.08 17.94 7.03
CA GLN A 233 6.57 16.59 6.82
C GLN A 233 7.76 15.63 6.66
N MET A 234 7.56 14.37 7.02
CA MET A 234 8.65 13.40 7.10
C MET A 234 9.13 12.87 5.76
N ASP A 235 10.42 12.55 5.70
CA ASP A 235 10.99 11.86 4.56
C ASP A 235 10.40 10.45 4.47
N PRO A 236 9.77 10.11 3.32
CA PRO A 236 9.22 8.77 3.11
C PRO A 236 10.19 7.62 3.42
N ALA A 237 11.50 7.88 3.32
CA ALA A 237 12.50 6.83 3.58
C ALA A 237 12.59 6.41 5.05
N ASN A 238 12.03 7.21 5.96
CA ASN A 238 12.38 7.07 7.36
C ASN A 238 11.32 6.39 8.21
N SER A 239 11.74 5.33 8.93
CA SER A 239 10.84 4.53 9.77
C SER A 239 11.13 4.70 11.26
N ASP A 240 12.39 4.55 11.65
CA ASP A 240 12.78 4.80 13.04
C ASP A 240 12.31 6.17 13.51
N GLU A 241 12.44 7.17 12.63
N GLU A 241 12.44 7.16 12.63
CA GLU A 241 12.06 8.54 12.99
CA GLU A 241 12.06 8.55 12.92
C GLU A 241 10.59 8.63 13.43
C GLU A 241 10.59 8.69 13.33
N ALA A 242 9.74 7.80 12.81
CA ALA A 242 8.32 7.80 13.16
C ALA A 242 8.06 7.43 14.62
N LEU A 243 8.91 6.56 15.16
CA LEU A 243 8.79 6.18 16.57
C LEU A 243 9.06 7.37 17.47
N HIS A 244 10.06 8.19 17.10
CA HIS A 244 10.36 9.37 17.90
C HIS A 244 9.25 10.41 17.84
N GLU A 245 8.63 10.54 16.66
CA GLU A 245 7.49 11.43 16.50
C GLU A 245 6.33 11.02 17.39
N VAL A 246 5.98 9.73 17.35
CA VAL A 246 4.87 9.24 18.16
C VAL A 246 5.17 9.36 19.65
N ALA A 247 6.38 9.00 20.06
CA ALA A 247 6.71 9.06 21.49
C ALA A 247 6.52 10.47 22.03
N ALA A 248 6.93 11.47 21.26
CA ALA A 248 6.80 12.86 21.69
C ALA A 248 5.33 13.25 21.81
N ASP A 249 4.54 12.84 20.82
CA ASP A 249 3.12 13.22 20.84
C ASP A 249 2.35 12.57 21.98
N LEU A 250 2.71 11.34 22.31
CA LEU A 250 2.11 10.69 23.47
C LEU A 250 2.52 11.42 24.74
N ALA A 251 3.83 11.72 24.89
CA ALA A 251 4.30 12.46 26.07
C ALA A 251 3.58 13.81 26.18
N GLU A 252 3.32 14.43 25.04
CA GLU A 252 2.68 15.74 25.00
C GLU A 252 1.16 15.72 25.19
N GLY A 253 0.58 14.52 25.30
CA GLY A 253 -0.83 14.41 25.69
C GLY A 253 -1.81 13.94 24.63
N ALA A 254 -1.34 13.49 23.47
CA ALA A 254 -2.28 13.05 22.44
C ALA A 254 -3.13 11.89 22.95
N ASP A 255 -4.42 11.90 22.60
CA ASP A 255 -5.28 10.77 22.95
C ASP A 255 -5.25 9.67 21.90
N MET A 256 -4.94 10.06 20.66
N MET A 256 -4.88 10.05 20.68
CA MET A 256 -4.78 9.13 19.54
CA MET A 256 -4.80 9.13 19.56
C MET A 256 -3.59 9.62 18.74
C MET A 256 -3.69 9.62 18.64
N VAL A 257 -2.95 8.69 18.05
CA VAL A 257 -1.84 9.05 17.14
C VAL A 257 -2.08 8.45 15.76
N MET A 258 -1.64 9.16 14.73
CA MET A 258 -1.97 8.79 13.37
C MET A 258 -0.74 8.74 12.48
N VAL A 259 -0.79 7.76 11.58
CA VAL A 259 0.15 7.61 10.48
C VAL A 259 -0.56 8.03 9.21
O7 LET A 260 -3.74 19.48 4.21
O4 LET A 260 -0.07 18.27 2.74
C11 LET A 260 -1.28 18.30 2.42
O3 LET A 260 -1.73 19.07 1.56
C10 LET A 260 -2.28 17.33 3.04
C9 LET A 260 -2.49 17.53 4.55
C8 LET A 260 -3.60 18.49 4.91
C7 LET A 260 -4.55 18.32 6.11
O6 LET A 260 -4.70 17.05 6.74
C5 LET A 260 -5.45 16.16 5.85
C4 LET A 260 -4.74 14.93 5.27
C3 LET A 260 -5.39 14.16 4.13
C2 LET A 260 -4.75 14.46 2.79
C1 LET A 260 -5.28 13.60 1.65
O1 LET A 260 -6.36 12.97 1.72
O2 LET A 260 -4.58 13.57 0.62
NZ LET A 260 -3.62 14.55 5.74
CE LET A 260 -2.84 13.41 5.27
CD LET A 260 -2.41 12.63 6.50
CG LET A 260 -1.60 11.39 6.11
CB LET A 260 -1.10 10.74 7.38
CA LET A 260 -0.38 9.41 7.09
N LET A 260 0.21 8.87 8.29
C LET A 260 0.75 9.62 6.15
O LET A 260 1.78 10.17 6.46
N PRO A 261 0.60 9.11 4.73
CA PRO A 261 -0.49 8.31 4.17
C PRO A 261 -0.61 6.92 4.80
N GLY A 262 -1.41 6.07 4.17
CA GLY A 262 -1.87 4.84 4.79
C GLY A 262 -1.24 3.61 4.22
N MET A 263 -1.78 3.13 3.10
N MET A 263 -1.80 3.12 3.11
CA MET A 263 -1.29 1.88 2.55
CA MET A 263 -1.29 1.90 2.47
C MET A 263 0.21 1.89 2.19
C MET A 263 0.22 1.92 2.25
N PRO A 264 0.75 3.02 1.66
CA PRO A 264 2.21 3.05 1.44
C PRO A 264 3.05 3.08 2.71
N TYR A 265 2.40 3.11 3.89
CA TYR A 265 3.08 3.21 5.19
C TYR A 265 2.56 2.18 6.20
N LEU A 266 2.05 1.05 5.72
CA LEU A 266 1.51 0.03 6.63
C LEU A 266 2.57 -0.52 7.60
N ASP A 267 3.83 -0.56 7.17
CA ASP A 267 4.91 -0.96 8.06
C ASP A 267 5.05 -0.01 9.24
N ILE A 268 4.80 1.28 9.00
CA ILE A 268 4.87 2.27 10.08
C ILE A 268 3.71 2.07 11.06
N VAL A 269 2.50 1.83 10.54
CA VAL A 269 1.35 1.52 11.39
C VAL A 269 1.71 0.35 12.33
N ARG A 270 2.28 -0.71 11.74
CA ARG A 270 2.60 -1.92 12.49
C ARG A 270 3.60 -1.63 13.60
N ARG A 271 4.67 -0.89 13.28
CA ARG A 271 5.71 -0.58 14.27
C ARG A 271 5.17 0.30 15.37
N VAL A 272 4.34 1.27 15.00
CA VAL A 272 3.78 2.21 15.97
C VAL A 272 2.84 1.50 16.95
N LYS A 273 1.97 0.64 16.43
N LYS A 273 1.98 0.63 16.42
CA LYS A 273 1.10 -0.14 17.32
CA LYS A 273 1.10 -0.15 17.29
C LYS A 273 1.92 -1.05 18.22
C LYS A 273 1.92 -1.06 18.20
N ASP A 274 2.91 -1.75 17.63
CA ASP A 274 3.71 -2.70 18.38
C ASP A 274 4.49 -2.03 19.52
N GLU A 275 5.03 -0.84 19.28
N GLU A 275 5.04 -0.86 19.26
CA GLU A 275 5.91 -0.22 20.27
CA GLU A 275 5.90 -0.19 20.24
C GLU A 275 5.18 0.58 21.35
C GLU A 275 5.10 0.45 21.37
N PHE A 276 4.06 1.19 20.99
CA PHE A 276 3.37 2.08 21.92
C PHE A 276 2.07 1.56 22.49
N ARG A 277 1.44 0.60 21.81
N ARG A 277 1.44 0.61 21.79
CA ARG A 277 0.18 0.01 22.30
CA ARG A 277 0.18 0.02 22.26
C ARG A 277 -0.83 1.10 22.68
C ARG A 277 -0.81 1.10 22.68
N ALA A 278 -0.93 2.12 21.81
CA ALA A 278 -1.81 3.26 22.01
C ALA A 278 -2.84 3.30 20.88
N PRO A 279 -3.93 4.08 21.04
CA PRO A 279 -4.91 4.17 19.95
C PRO A 279 -4.28 4.75 18.69
N THR A 280 -4.25 3.94 17.63
CA THR A 280 -3.46 4.22 16.44
C THR A 280 -4.38 4.33 15.22
N PHE A 281 -4.26 5.45 14.53
CA PHE A 281 -5.13 5.75 13.39
C PHE A 281 -4.32 5.88 12.13
N VAL A 282 -4.98 5.75 10.98
CA VAL A 282 -4.28 5.80 9.70
C VAL A 282 -5.18 6.48 8.69
N TYR A 283 -4.59 7.32 7.84
CA TYR A 283 -5.35 8.05 6.84
C TYR A 283 -5.13 7.40 5.47
N GLN A 284 -6.20 6.84 4.91
CA GLN A 284 -6.16 6.38 3.51
C GLN A 284 -6.42 7.62 2.68
N VAL A 285 -5.34 8.22 2.17
CA VAL A 285 -5.42 9.57 1.64
C VAL A 285 -6.05 9.66 0.26
N SER A 286 -6.31 10.90 -0.16
CA SER A 286 -6.97 11.18 -1.44
C SER A 286 -6.37 10.44 -2.63
N GLY A 287 -5.04 10.39 -2.69
CA GLY A 287 -4.36 9.70 -3.80
C GLY A 287 -4.62 8.21 -3.77
N GLU A 288 -4.70 7.63 -2.56
CA GLU A 288 -5.05 6.21 -2.43
C GLU A 288 -6.48 5.97 -2.91
N TYR A 289 -7.39 6.84 -2.49
CA TYR A 289 -8.77 6.75 -2.91
C TYR A 289 -8.88 6.87 -4.45
N ALA A 290 -8.26 7.91 -4.99
CA ALA A 290 -8.33 8.16 -6.43
C ALA A 290 -7.78 7.00 -7.25
N MET A 291 -6.63 6.46 -6.82
N MET A 291 -6.64 6.44 -6.85
CA MET A 291 -6.02 5.32 -7.51
CA MET A 291 -6.09 5.36 -7.67
C MET A 291 -7.01 4.17 -7.61
C MET A 291 -6.97 4.10 -7.62
N HIS A 292 -7.58 3.81 -6.48
CA HIS A 292 -8.54 2.70 -6.40
C HIS A 292 -9.78 2.98 -7.24
N MET A 293 -10.38 4.15 -7.06
N MET A 293 -10.38 4.16 -7.07
CA MET A 293 -11.57 4.53 -7.81
CA MET A 293 -11.63 4.45 -7.80
C MET A 293 -11.35 4.45 -9.31
C MET A 293 -11.41 4.56 -9.32
N GLY A 294 -10.25 5.05 -9.76
CA GLY A 294 -9.92 5.10 -11.18
C GLY A 294 -9.89 3.70 -11.75
N ALA A 295 -9.22 2.79 -11.04
CA ALA A 295 -9.10 1.41 -11.50
C ALA A 295 -10.43 0.67 -11.47
N ILE A 296 -11.22 0.90 -10.43
CA ILE A 296 -12.56 0.29 -10.34
C ILE A 296 -13.44 0.75 -11.50
N GLN A 297 -13.48 2.06 -11.73
N GLN A 297 -13.47 2.08 -11.74
CA GLN A 297 -14.35 2.59 -12.78
CA GLN A 297 -14.31 2.68 -12.79
C GLN A 297 -13.90 2.16 -14.17
C GLN A 297 -13.85 2.34 -14.22
N ASN A 298 -12.59 1.92 -14.35
CA ASN A 298 -12.05 1.43 -15.61
C ASN A 298 -12.35 -0.07 -15.81
N GLY A 299 -12.82 -0.73 -14.76
CA GLY A 299 -13.06 -2.18 -14.78
C GLY A 299 -11.79 -3.00 -14.59
N TRP A 300 -10.73 -2.36 -14.12
CA TRP A 300 -9.45 -3.04 -13.92
C TRP A 300 -9.37 -3.79 -12.61
N LEU A 301 -10.12 -3.30 -11.61
CA LEU A 301 -10.19 -3.93 -10.30
C LEU A 301 -11.65 -4.05 -9.88
N ALA A 302 -11.97 -5.17 -9.23
CA ALA A 302 -13.30 -5.39 -8.68
C ALA A 302 -13.53 -4.50 -7.46
N GLU A 303 -14.78 -4.14 -7.19
N GLU A 303 -14.79 -4.15 -7.23
CA GLU A 303 -15.11 -3.32 -6.02
CA GLU A 303 -15.25 -3.41 -6.04
C GLU A 303 -14.75 -3.98 -4.68
C GLU A 303 -14.67 -3.96 -4.74
N SER A 304 -14.49 -5.29 -4.71
CA SER A 304 -14.04 -6.00 -3.51
C SER A 304 -12.70 -5.47 -3.00
N VAL A 305 -11.93 -4.78 -3.85
N VAL A 305 -11.96 -4.77 -3.85
CA VAL A 305 -10.65 -4.20 -3.43
CA VAL A 305 -10.67 -4.21 -3.46
C VAL A 305 -10.82 -3.17 -2.31
C VAL A 305 -10.82 -3.15 -2.35
N ILE A 306 -11.99 -2.53 -2.26
CA ILE A 306 -12.24 -1.52 -1.22
C ILE A 306 -12.12 -2.15 0.18
N LEU A 307 -12.84 -3.23 0.42
N LEU A 307 -12.86 -3.23 0.41
CA LEU A 307 -12.76 -3.89 1.72
CA LEU A 307 -12.79 -3.96 1.67
C LEU A 307 -11.42 -4.59 1.95
C LEU A 307 -11.38 -4.47 1.91
N GLU A 308 -10.74 -5.01 0.87
CA GLU A 308 -9.39 -5.57 1.01
C GLU A 308 -8.40 -4.52 1.49
N SER A 309 -8.48 -3.32 0.90
CA SER A 309 -7.60 -2.22 1.27
C SER A 309 -7.81 -1.82 2.72
N LEU A 310 -9.06 -1.82 3.16
CA LEU A 310 -9.39 -1.38 4.52
C LEU A 310 -9.05 -2.45 5.56
N THR A 311 -9.26 -3.71 5.21
CA THR A 311 -8.83 -4.82 6.05
C THR A 311 -7.32 -4.78 6.32
N ALA A 312 -6.54 -4.36 5.32
CA ALA A 312 -5.10 -4.25 5.48
C ALA A 312 -4.76 -3.34 6.66
N PHE A 313 -5.48 -2.23 6.79
CA PHE A 313 -5.19 -1.32 7.91
C PHE A 313 -5.42 -1.97 9.27
N LYS A 314 -6.49 -2.76 9.38
CA LYS A 314 -6.77 -3.46 10.63
C LYS A 314 -5.69 -4.48 10.95
N ARG A 315 -5.32 -5.25 9.93
CA ARG A 315 -4.27 -6.26 10.09
C ARG A 315 -2.95 -5.63 10.51
N ALA A 316 -2.67 -4.45 9.97
CA ALA A 316 -1.41 -3.75 10.23
C ALA A 316 -1.37 -3.10 11.61
N GLY A 317 -2.52 -3.01 12.28
CA GLY A 317 -2.56 -2.49 13.65
C GLY A 317 -3.37 -1.25 13.89
N ALA A 318 -4.05 -0.73 12.86
CA ALA A 318 -4.85 0.48 13.04
C ALA A 318 -6.13 0.20 13.83
N ASP A 319 -6.44 1.12 14.74
CA ASP A 319 -7.71 1.12 15.45
C ASP A 319 -8.83 1.83 14.67
N GLY A 320 -8.44 2.75 13.79
CA GLY A 320 -9.42 3.47 13.01
C GLY A 320 -8.77 4.01 11.76
N ILE A 321 -9.63 4.26 10.75
CA ILE A 321 -9.17 4.60 9.41
C ILE A 321 -9.96 5.79 8.92
N LEU A 322 -9.25 6.86 8.55
CA LEU A 322 -9.89 7.98 7.87
C LEU A 322 -9.87 7.61 6.39
N THR A 323 -11.07 7.47 5.82
CA THR A 323 -11.18 6.95 4.45
C THR A 323 -12.37 7.56 3.72
N TYR A 324 -12.10 8.02 2.50
CA TYR A 324 -13.16 8.56 1.63
C TYR A 324 -14.12 7.47 1.17
N PHE A 325 -13.74 6.21 1.38
CA PHE A 325 -14.60 5.06 1.09
C PHE A 325 -15.57 4.75 2.25
N ALA A 326 -15.61 5.58 3.29
CA ALA A 326 -16.33 5.19 4.50
C ALA A 326 -17.79 4.83 4.25
N LYS A 327 -18.50 5.62 3.45
CA LYS A 327 -19.91 5.31 3.18
C LYS A 327 -20.09 3.98 2.44
N GLN A 328 -19.34 3.80 1.36
N GLN A 328 -19.34 3.77 1.35
CA GLN A 328 -19.38 2.57 0.56
CA GLN A 328 -19.46 2.53 0.59
C GLN A 328 -19.08 1.36 1.43
C GLN A 328 -19.05 1.31 1.40
N ALA A 329 -18.01 1.46 2.21
CA ALA A 329 -17.59 0.39 3.11
C ALA A 329 -18.67 0.07 4.14
N ALA A 330 -19.26 1.10 4.74
CA ALA A 330 -20.32 0.90 5.74
C ALA A 330 -21.52 0.21 5.12
N GLU A 331 -21.86 0.60 3.89
CA GLU A 331 -22.97 -0.03 3.17
C GLU A 331 -22.70 -1.52 2.94
N GLN A 332 -21.50 -1.83 2.47
N GLN A 332 -21.50 -1.85 2.45
CA GLN A 332 -21.08 -3.21 2.16
CA GLN A 332 -21.15 -3.24 2.18
C GLN A 332 -21.02 -4.08 3.42
C GLN A 332 -21.13 -4.07 3.46
N LEU A 333 -20.62 -3.48 4.54
CA LEU A 333 -20.56 -4.17 5.83
C LEU A 333 -21.95 -4.41 6.43
N ARG A 334 -22.89 -3.52 6.13
CA ARG A 334 -24.27 -3.61 6.64
C ARG A 334 -25.00 -4.77 5.99
N ARG A 335 -24.73 -4.99 4.71
CA ARG A 335 -25.25 -6.16 3.99
C ARG A 335 -24.66 -7.44 4.56
N GLY A 336 -25.52 -8.45 4.73
N SER B 2 14.28 -3.49 19.33
CA SER B 2 14.18 -2.71 20.59
C SER B 2 14.10 -1.20 20.34
N PHE B 3 13.55 -0.47 21.31
CA PHE B 3 13.42 0.98 21.25
C PHE B 3 13.28 1.58 22.65
N THR B 4 13.69 2.84 22.73
N THR B 4 13.93 2.72 22.84
CA THR B 4 13.87 3.57 23.97
CA THR B 4 13.71 3.55 24.01
C THR B 4 13.69 5.05 23.57
C THR B 4 13.64 5.00 23.57
N PRO B 5 12.63 5.74 24.05
CA PRO B 5 12.49 7.16 23.68
C PRO B 5 13.61 8.06 24.20
N ALA B 6 14.36 7.59 25.19
CA ALA B 6 15.51 8.31 25.75
C ALA B 6 15.14 9.71 26.25
N ASN B 7 13.89 9.86 26.70
CA ASN B 7 13.46 11.10 27.35
C ASN B 7 13.59 12.32 26.46
N ARG B 8 13.52 12.13 25.14
CA ARG B 8 13.57 13.26 24.22
C ARG B 8 12.30 14.08 24.33
N ALA B 9 12.46 15.39 24.46
CA ALA B 9 11.31 16.28 24.65
C ALA B 9 11.51 17.63 23.98
N TYR B 10 10.44 18.12 23.37
CA TYR B 10 10.41 19.49 22.85
C TYR B 10 10.55 20.46 24.04
N PRO B 11 11.25 21.60 23.85
CA PRO B 11 11.96 22.06 22.65
C PRO B 11 13.43 21.65 22.53
N TYR B 12 13.97 20.91 23.52
N TYR B 12 13.97 20.93 23.52
CA TYR B 12 15.35 20.44 23.42
CA TYR B 12 15.35 20.46 23.42
C TYR B 12 15.47 19.59 22.15
C TYR B 12 15.51 19.53 22.19
N THR B 13 14.50 18.70 21.96
CA THR B 13 14.39 17.92 20.74
C THR B 13 13.35 18.56 19.82
N ARG B 14 13.81 19.03 18.66
CA ARG B 14 12.96 19.48 17.57
C ARG B 14 13.30 18.62 16.38
N LEU B 15 12.38 17.72 16.01
CA LEU B 15 12.66 16.81 14.91
C LEU B 15 12.76 17.51 13.55
N ARG B 16 12.31 18.77 13.47
CA ARG B 16 12.46 19.52 12.23
C ARG B 16 13.90 19.97 11.96
N ARG B 17 14.79 19.95 12.95
CA ARG B 17 16.13 20.47 12.68
C ARG B 17 16.80 19.66 11.57
N ASN B 18 16.76 18.34 11.68
CA ASN B 18 17.37 17.54 10.61
C ASN B 18 16.66 17.70 9.27
N ARG B 19 15.39 18.07 9.30
CA ARG B 19 14.62 18.32 8.07
C ARG B 19 14.91 19.70 7.45
N ARG B 20 15.69 20.54 8.12
CA ARG B 20 15.80 21.95 7.71
C ARG B 20 16.45 22.12 6.33
N ASP B 21 17.43 21.28 6.04
CA ASP B 21 18.24 21.42 4.81
C ASP B 21 18.36 20.09 4.11
N ASP B 22 18.48 20.14 2.79
CA ASP B 22 18.71 18.94 2.01
C ASP B 22 19.91 18.15 2.53
N PHE B 23 21.01 18.81 2.87
CA PHE B 23 22.20 18.05 3.25
C PHE B 23 21.93 17.20 4.50
N SER B 24 21.19 17.73 5.46
CA SER B 24 20.95 16.95 6.69
C SER B 24 19.87 15.89 6.48
N ARG B 25 18.88 16.17 5.63
CA ARG B 25 17.92 15.13 5.25
C ARG B 25 18.65 13.96 4.59
N ARG B 26 19.63 14.26 3.73
N ARG B 26 19.63 14.28 3.74
CA ARG B 26 20.42 13.22 3.07
CA ARG B 26 20.44 13.26 3.06
C ARG B 26 21.23 12.41 4.08
C ARG B 26 21.28 12.43 4.04
N LEU B 27 21.83 13.08 5.06
CA LEU B 27 22.66 12.39 6.05
C LEU B 27 21.85 11.43 6.91
N VAL B 28 20.63 11.80 7.25
CA VAL B 28 19.86 10.96 8.18
C VAL B 28 18.90 10.01 7.45
N ARG B 29 18.83 10.12 6.12
CA ARG B 29 17.93 9.31 5.31
C ARG B 29 18.16 7.81 5.58
N GLU B 30 17.10 7.11 5.97
CA GLU B 30 17.27 5.75 6.49
C GLU B 30 17.36 4.66 5.43
N ASN B 31 16.78 4.94 4.26
CA ASN B 31 16.67 3.95 3.19
C ASN B 31 16.79 4.62 1.84
N VAL B 32 17.40 3.91 0.90
CA VAL B 32 17.49 4.37 -0.48
C VAL B 32 17.18 3.21 -1.42
N LEU B 33 16.39 3.50 -2.44
CA LEU B 33 16.15 2.56 -3.52
C LEU B 33 17.32 2.64 -4.51
N THR B 34 17.83 1.49 -4.93
CA THR B 34 18.79 1.45 -6.04
C THR B 34 18.32 0.44 -7.09
N VAL B 35 19.01 0.44 -8.23
N VAL B 35 18.89 0.54 -8.29
CA VAL B 35 18.69 -0.52 -9.27
CA VAL B 35 18.45 -0.28 -9.42
C VAL B 35 18.99 -1.97 -8.85
C VAL B 35 18.56 -1.78 -9.11
N ASP B 36 19.86 -2.16 -7.86
N ASP B 36 19.55 -2.12 -8.28
CA ASP B 36 20.11 -3.49 -7.29
CA ASP B 36 19.80 -3.51 -7.85
C ASP B 36 18.82 -4.12 -6.72
C ASP B 36 18.65 -4.14 -7.06
N ASP B 37 17.78 -3.31 -6.50
CA ASP B 37 16.57 -3.75 -5.83
C ASP B 37 15.47 -4.19 -6.76
N LEU B 38 15.68 -4.06 -8.08
CA LEU B 38 14.57 -4.18 -9.03
C LEU B 38 14.58 -5.46 -9.84
N ILE B 39 13.40 -6.09 -9.90
CA ILE B 39 13.18 -7.24 -10.76
C ILE B 39 12.03 -6.90 -11.69
N LEU B 40 12.23 -7.09 -12.99
CA LEU B 40 11.21 -6.74 -13.99
C LEU B 40 10.43 -7.96 -14.49
N PRO B 41 9.11 -8.04 -14.19
CA PRO B 41 8.30 -9.10 -14.78
C PRO B 41 8.01 -8.80 -16.24
N VAL B 42 8.01 -9.84 -17.07
N VAL B 42 8.01 -9.82 -17.07
CA VAL B 42 7.80 -9.69 -18.51
CA VAL B 42 7.74 -9.65 -18.49
C VAL B 42 6.81 -10.75 -19.00
C VAL B 42 6.83 -10.74 -19.03
N PHE B 43 5.85 -10.33 -19.81
CA PHE B 43 4.89 -11.25 -20.42
C PHE B 43 5.38 -11.65 -21.80
N VAL B 44 5.53 -12.96 -22.02
CA VAL B 44 6.22 -13.47 -23.21
C VAL B 44 5.26 -14.19 -24.15
N LEU B 45 5.19 -13.72 -25.40
CA LEU B 45 4.36 -14.32 -26.45
C LEU B 45 5.05 -15.47 -27.17
N ASP B 46 4.24 -16.28 -27.86
CA ASP B 46 4.70 -17.45 -28.60
C ASP B 46 5.36 -17.15 -29.95
N GLY B 47 5.01 -16.01 -30.53
CA GLY B 47 5.35 -15.76 -31.94
C GLY B 47 6.68 -15.10 -32.24
N VAL B 48 6.76 -14.39 -33.36
N VAL B 48 6.68 -14.41 -33.38
CA VAL B 48 7.99 -13.64 -33.68
CA VAL B 48 7.82 -13.67 -33.91
C VAL B 48 7.62 -12.27 -34.23
C VAL B 48 7.33 -12.27 -34.23
N ASN B 49 8.44 -11.26 -33.90
N ASN B 49 8.16 -11.28 -33.95
CA ASN B 49 8.25 -9.88 -34.35
CA ASN B 49 7.85 -9.91 -34.33
C ASN B 49 6.86 -9.35 -34.00
C ASN B 49 6.47 -9.50 -33.84
N GLN B 50 6.50 -9.53 -32.72
N GLN B 50 6.16 -9.79 -32.57
CA GLN B 50 5.15 -9.21 -32.20
CA GLN B 50 4.86 -9.35 -32.09
C GLN B 50 5.19 -8.54 -30.84
C GLN B 50 4.98 -8.70 -30.75
N ARG B 51 4.24 -7.61 -30.62
CA ARG B 51 3.94 -7.06 -29.30
C ARG B 51 2.44 -6.86 -29.22
N GLU B 52 1.91 -6.93 -28.00
CA GLU B 52 0.48 -6.68 -27.77
C GLU B 52 0.32 -5.78 -26.56
N SER B 53 -0.61 -4.85 -26.65
CA SER B 53 -0.97 -4.02 -25.50
C SER B 53 -2.04 -4.69 -24.66
N ILE B 54 -2.06 -4.33 -23.38
CA ILE B 54 -2.93 -4.95 -22.39
C ILE B 54 -3.86 -3.86 -21.85
N PRO B 55 -5.19 -4.00 -22.06
CA PRO B 55 -6.08 -2.90 -21.68
C PRO B 55 -5.97 -2.44 -20.22
N SER B 56 -5.81 -3.39 -19.30
CA SER B 56 -5.81 -3.07 -17.87
C SER B 56 -4.41 -2.84 -17.30
N MET B 57 -3.39 -2.87 -18.15
CA MET B 57 -2.03 -2.55 -17.73
C MET B 57 -1.44 -1.56 -18.72
N PRO B 58 -1.89 -0.30 -18.66
CA PRO B 58 -1.41 0.71 -19.60
C PRO B 58 0.11 0.79 -19.63
N GLY B 59 0.69 0.76 -20.82
CA GLY B 59 2.12 0.90 -20.99
C GLY B 59 2.89 -0.40 -20.98
N VAL B 60 2.23 -1.49 -20.55
CA VAL B 60 2.89 -2.80 -20.50
C VAL B 60 2.60 -3.55 -21.79
N GLU B 61 3.61 -4.27 -22.29
CA GLU B 61 3.48 -5.01 -23.54
C GLU B 61 3.78 -6.49 -23.34
N ARG B 62 2.99 -7.33 -24.00
CA ARG B 62 3.38 -8.73 -24.19
C ARG B 62 4.39 -8.73 -25.33
N LEU B 63 5.49 -9.45 -25.17
CA LEU B 63 6.60 -9.45 -26.14
C LEU B 63 6.93 -10.84 -26.67
N SER B 64 7.04 -10.99 -28.00
CA SER B 64 7.67 -12.20 -28.54
C SER B 64 9.14 -12.25 -28.12
N ILE B 65 9.74 -13.43 -28.19
CA ILE B 65 11.10 -13.61 -27.68
C ILE B 65 12.12 -12.69 -28.39
N ASP B 66 11.99 -12.53 -29.72
CA ASP B 66 12.92 -11.64 -30.41
C ASP B 66 12.81 -10.19 -29.88
N GLN B 67 11.58 -9.79 -29.55
CA GLN B 67 11.35 -8.45 -29.02
C GLN B 67 11.83 -8.33 -27.59
N LEU B 68 11.67 -9.42 -26.83
CA LEU B 68 12.21 -9.50 -25.48
C LEU B 68 13.73 -9.35 -25.47
N LEU B 69 14.41 -9.99 -26.42
CA LEU B 69 15.87 -9.85 -26.51
C LEU B 69 16.30 -8.42 -26.82
N ILE B 70 15.53 -7.74 -27.68
CA ILE B 70 15.80 -6.34 -28.02
C ILE B 70 15.66 -5.44 -26.79
N GLU B 71 14.55 -5.59 -26.06
N GLU B 71 14.55 -5.58 -26.07
CA GLU B 71 14.30 -4.76 -24.89
CA GLU B 71 14.28 -4.77 -24.89
C GLU B 71 15.26 -5.05 -23.75
C GLU B 71 15.27 -5.04 -23.77
N ALA B 72 15.68 -6.31 -23.65
CA ALA B 72 16.63 -6.71 -22.59
C ALA B 72 17.98 -6.00 -22.69
N GLU B 73 18.43 -5.68 -23.91
N GLU B 73 18.31 -5.50 -23.88
CA GLU B 73 19.72 -4.99 -24.09
CA GLU B 73 19.48 -4.64 -24.04
C GLU B 73 19.74 -3.73 -23.23
C GLU B 73 19.37 -3.34 -23.23
N GLU B 74 18.62 -3.00 -23.29
N GLU B 74 18.22 -2.67 -23.27
CA GLU B 74 18.46 -1.76 -22.52
CA GLU B 74 18.09 -1.47 -22.47
C GLU B 74 18.26 -2.01 -21.03
C GLU B 74 18.02 -1.83 -20.98
N TRP B 75 17.42 -2.97 -20.66
CA TRP B 75 17.28 -3.37 -19.24
C TRP B 75 18.64 -3.69 -18.64
N VAL B 76 19.48 -4.40 -19.38
CA VAL B 76 20.85 -4.69 -18.95
C VAL B 76 21.67 -3.40 -18.84
N ALA B 77 21.56 -2.53 -19.84
CA ALA B 77 22.30 -1.26 -19.81
C ALA B 77 21.92 -0.39 -18.60
N LEU B 78 20.66 -0.49 -18.17
CA LEU B 78 20.17 0.25 -17.00
C LEU B 78 20.58 -0.39 -15.68
N GLY B 79 21.07 -1.63 -15.76
CA GLY B 79 21.56 -2.34 -14.57
C GLY B 79 20.53 -3.15 -13.81
N ILE B 80 19.36 -3.37 -14.41
CA ILE B 80 18.33 -4.20 -13.78
C ILE B 80 18.90 -5.62 -13.61
N PRO B 81 18.97 -6.12 -12.37
CA PRO B 81 19.64 -7.41 -12.15
C PRO B 81 18.92 -8.66 -12.67
N ALA B 82 17.59 -8.63 -12.73
CA ALA B 82 16.85 -9.83 -13.09
C ALA B 82 15.50 -9.54 -13.72
N LEU B 83 15.05 -10.51 -14.52
CA LEU B 83 13.69 -10.55 -15.08
C LEU B 83 12.93 -11.71 -14.49
N ALA B 84 11.60 -11.54 -14.37
CA ALA B 84 10.71 -12.63 -14.01
C ALA B 84 9.82 -12.91 -15.22
N LEU B 85 9.93 -14.12 -15.76
CA LEU B 85 9.23 -14.44 -17.02
C LEU B 85 7.85 -15.03 -16.77
N PHE B 86 6.86 -14.52 -17.49
CA PHE B 86 5.50 -15.05 -17.46
C PHE B 86 5.03 -15.33 -18.88
N PRO B 87 5.03 -16.60 -19.27
CA PRO B 87 4.58 -16.95 -20.62
C PRO B 87 3.08 -16.74 -20.81
N VAL B 88 2.72 -16.34 -22.02
CA VAL B 88 1.34 -16.19 -22.43
C VAL B 88 1.00 -17.42 -23.30
N THR B 89 0.45 -18.44 -22.66
CA THR B 89 0.31 -19.74 -23.30
C THR B 89 -0.79 -19.73 -24.36
N PRO B 90 -0.47 -20.19 -25.59
CA PRO B 90 -1.54 -20.36 -26.58
C PRO B 90 -2.61 -21.32 -26.05
N VAL B 91 -3.86 -21.09 -26.46
N VAL B 91 -3.88 -20.94 -26.24
CA VAL B 91 -4.97 -21.97 -26.10
CA VAL B 91 -5.00 -21.60 -25.56
C VAL B 91 -4.79 -23.47 -26.45
C VAL B 91 -5.03 -23.11 -25.82
N GLU B 92 -4.28 -23.78 -27.65
N GLU B 92 -4.51 -23.52 -26.97
CA GLU B 92 -4.19 -25.18 -28.11
CA GLU B 92 -4.46 -24.95 -27.29
C GLU B 92 -3.42 -26.03 -27.11
C GLU B 92 -3.17 -25.66 -26.86
N LYS B 93 -2.54 -25.37 -26.36
N LYS B 93 -2.34 -24.99 -26.07
CA LYS B 93 -1.54 -26.03 -25.52
CA LYS B 93 -1.30 -25.69 -25.33
C LYS B 93 -1.93 -26.19 -24.05
C LYS B 93 -1.76 -25.87 -23.89
N LYS B 94 -3.03 -25.56 -23.65
CA LYS B 94 -3.62 -25.76 -22.31
C LYS B 94 -4.31 -27.13 -22.21
N SER B 95 -4.28 -27.73 -21.03
CA SER B 95 -4.83 -29.07 -20.80
C SER B 95 -5.19 -29.26 -19.33
N LEU B 96 -5.88 -30.35 -19.02
CA LEU B 96 -6.16 -30.66 -17.61
C LEU B 96 -4.90 -31.06 -16.85
N ASP B 97 -3.95 -31.69 -17.54
CA ASP B 97 -2.75 -32.20 -16.87
C ASP B 97 -1.60 -31.19 -16.81
N ALA B 98 -1.80 -30.04 -17.44
CA ALA B 98 -0.79 -28.98 -17.44
C ALA B 98 0.58 -29.40 -17.99
N ALA B 99 0.61 -30.39 -18.88
CA ALA B 99 1.89 -30.94 -19.37
C ALA B 99 2.79 -29.89 -20.02
N GLU B 100 2.18 -28.86 -20.61
CA GLU B 100 2.96 -27.80 -21.25
C GLU B 100 3.94 -27.12 -20.27
N ALA B 101 3.63 -27.23 -18.97
CA ALA B 101 4.47 -26.64 -17.92
C ALA B 101 5.92 -27.12 -17.99
N TYR B 102 6.12 -28.40 -18.33
CA TYR B 102 7.45 -28.98 -18.39
C TYR B 102 7.92 -29.30 -19.82
N ASN B 103 7.24 -28.73 -20.82
CA ASN B 103 7.66 -28.89 -22.22
C ASN B 103 9.00 -28.18 -22.42
N PRO B 104 10.05 -28.92 -22.84
CA PRO B 104 11.33 -28.23 -23.06
C PRO B 104 11.29 -27.16 -24.14
N GLU B 105 10.24 -27.16 -24.96
N GLU B 105 10.27 -27.18 -24.99
CA GLU B 105 10.05 -26.14 -25.99
CA GLU B 105 10.05 -26.15 -25.99
C GLU B 105 8.92 -25.18 -25.67
C GLU B 105 8.78 -25.33 -25.70
N GLY B 106 8.48 -25.18 -24.41
CA GLY B 106 7.47 -24.22 -23.95
C GLY B 106 8.05 -22.82 -24.01
N ILE B 107 7.19 -21.82 -24.01
CA ILE B 107 7.65 -20.43 -24.11
C ILE B 107 8.69 -20.07 -23.03
N ALA B 108 8.39 -20.41 -21.78
CA ALA B 108 9.30 -20.05 -20.68
C ALA B 108 10.69 -20.65 -20.89
N GLN B 109 10.71 -21.91 -21.31
CA GLN B 109 11.96 -22.62 -21.53
C GLN B 109 12.73 -22.01 -22.70
N ARG B 110 12.03 -21.73 -23.81
CA ARG B 110 12.69 -21.12 -24.98
C ARG B 110 13.22 -19.73 -24.63
N ALA B 111 12.42 -18.96 -23.90
CA ALA B 111 12.84 -17.60 -23.55
C ALA B 111 14.06 -17.63 -22.64
N THR B 112 14.05 -18.56 -21.69
CA THR B 112 15.16 -18.74 -20.77
C THR B 112 16.45 -19.04 -21.53
N ARG B 113 16.42 -20.03 -22.41
N ARG B 113 16.41 -20.02 -22.42
CA ARG B 113 17.63 -20.36 -23.17
CA ARG B 113 17.60 -20.39 -23.18
C ARG B 113 18.16 -19.16 -23.97
C ARG B 113 18.14 -19.23 -24.02
N ALA B 114 17.23 -18.44 -24.62
CA ALA B 114 17.62 -17.31 -25.47
C ALA B 114 18.30 -16.22 -24.63
N LEU B 115 17.73 -15.94 -23.46
CA LEU B 115 18.26 -14.89 -22.62
C LEU B 115 19.57 -15.29 -21.96
N ARG B 116 19.66 -16.55 -21.51
CA ARG B 116 20.89 -17.00 -20.86
C ARG B 116 22.07 -16.94 -21.81
N GLU B 117 21.81 -17.24 -23.08
CA GLU B 117 22.86 -17.20 -24.11
C GLU B 117 23.27 -15.76 -24.44
N ARG B 118 22.30 -14.87 -24.62
N ARG B 118 22.28 -14.89 -24.64
CA ARG B 118 22.59 -13.50 -25.06
CA ARG B 118 22.51 -13.52 -25.07
C ARG B 118 23.06 -12.55 -23.95
C ARG B 118 23.11 -12.65 -23.95
N PHE B 119 22.54 -12.74 -22.75
CA PHE B 119 22.90 -11.88 -21.60
C PHE B 119 23.30 -12.75 -20.41
N PRO B 120 24.51 -13.32 -20.43
CA PRO B 120 24.89 -14.31 -19.42
C PRO B 120 24.83 -13.84 -17.96
N GLU B 121 24.96 -12.54 -17.74
CA GLU B 121 24.95 -12.00 -16.37
C GLU B 121 23.56 -11.62 -15.86
N LEU B 122 22.57 -11.64 -16.74
CA LEU B 122 21.22 -11.23 -16.36
C LEU B 122 20.51 -12.37 -15.63
N GLY B 123 19.93 -12.09 -14.46
CA GLY B 123 19.19 -13.12 -13.74
C GLY B 123 17.86 -13.42 -14.41
N ILE B 124 17.56 -14.71 -14.57
CA ILE B 124 16.28 -15.14 -15.11
C ILE B 124 15.55 -15.92 -14.03
N ILE B 125 14.40 -15.41 -13.65
CA ILE B 125 13.57 -16.05 -12.63
C ILE B 125 12.34 -16.61 -13.33
N THR B 126 12.22 -17.94 -13.38
CA THR B 126 11.07 -18.54 -14.03
C THR B 126 9.94 -18.77 -13.03
N ASP B 127 8.73 -18.86 -13.57
CA ASP B 127 7.55 -19.02 -12.75
C ASP B 127 7.16 -20.49 -12.70
N VAL B 128 7.16 -21.03 -11.48
CA VAL B 128 6.75 -22.41 -11.28
C VAL B 128 5.30 -22.36 -10.78
N ALA B 129 4.39 -22.72 -11.68
CA ALA B 129 2.96 -22.58 -11.49
C ALA B 129 2.27 -23.30 -12.63
N LEU B 130 1.10 -23.84 -12.35
CA LEU B 130 0.34 -24.57 -13.37
C LEU B 130 -0.78 -23.76 -14.02
N ASP B 131 -1.16 -22.63 -13.44
CA ASP B 131 -2.27 -21.84 -13.98
C ASP B 131 -2.10 -21.27 -15.42
N PRO B 132 -0.85 -21.09 -15.90
CA PRO B 132 -0.74 -20.73 -17.31
C PRO B 132 -1.02 -21.89 -18.26
N PHE B 133 -1.18 -23.10 -17.72
CA PHE B 133 -1.22 -24.30 -18.56
C PHE B 133 -2.48 -25.14 -18.44
N THR B 134 -3.32 -24.82 -17.47
CA THR B 134 -4.56 -25.55 -17.25
C THR B 134 -5.69 -24.92 -18.04
N THR B 135 -6.67 -25.71 -18.42
N THR B 135 -6.58 -25.77 -18.52
CA THR B 135 -7.85 -25.18 -19.12
CA THR B 135 -7.69 -25.38 -19.40
C THR B 135 -8.79 -24.42 -18.19
C THR B 135 -8.57 -24.37 -18.66
N HIS B 136 -8.72 -24.73 -16.90
N HIS B 136 -8.69 -24.57 -17.36
CA HIS B 136 -9.57 -24.06 -15.92
CA HIS B 136 -9.57 -23.81 -16.48
C HIS B 136 -8.90 -22.82 -15.33
C HIS B 136 -8.93 -22.56 -15.86
N GLY B 137 -7.61 -22.62 -15.64
CA GLY B 137 -6.86 -21.49 -15.12
C GLY B 137 -6.59 -21.50 -13.62
N GLN B 138 -6.95 -22.60 -12.95
CA GLN B 138 -6.61 -22.74 -11.52
C GLN B 138 -5.16 -23.19 -11.38
N ASP B 139 -4.60 -23.02 -10.18
N ASP B 139 -4.60 -22.94 -10.19
CA ASP B 139 -3.17 -23.22 -9.95
CA ASP B 139 -3.21 -23.25 -9.88
C ASP B 139 -2.75 -24.68 -9.70
C ASP B 139 -3.03 -24.69 -9.41
N GLY B 140 -3.51 -25.62 -10.23
CA GLY B 140 -3.20 -27.04 -10.01
C GLY B 140 -4.13 -28.01 -10.68
N ILE B 141 -3.91 -29.29 -10.39
CA ILE B 141 -4.74 -30.38 -10.90
C ILE B 141 -5.98 -30.49 -10.02
N LEU B 142 -7.14 -30.48 -10.66
CA LEU B 142 -8.41 -30.53 -9.92
C LEU B 142 -8.87 -31.96 -9.70
N ASP B 143 -9.42 -32.22 -8.53
CA ASP B 143 -10.15 -33.47 -8.30
C ASP B 143 -11.56 -33.35 -8.92
N ASP B 144 -12.35 -34.42 -8.80
CA ASP B 144 -13.69 -34.45 -9.39
C ASP B 144 -14.64 -33.39 -8.83
N ASP B 145 -14.34 -32.87 -7.65
CA ASP B 145 -15.15 -31.83 -7.03
C ASP B 145 -14.64 -30.40 -7.28
N GLY B 146 -13.60 -30.28 -8.10
CA GLY B 146 -13.05 -28.96 -8.43
C GLY B 146 -12.04 -28.40 -7.43
N TYR B 147 -11.59 -29.23 -6.49
CA TYR B 147 -10.57 -28.82 -5.53
C TYR B 147 -9.17 -29.01 -6.10
N VAL B 148 -8.29 -28.04 -5.88
CA VAL B 148 -6.90 -28.15 -6.33
C VAL B 148 -6.11 -29.10 -5.42
N LEU B 149 -5.78 -30.27 -5.96
CA LEU B 149 -5.07 -31.30 -5.23
C LEU B 149 -3.66 -30.88 -4.93
N ASN B 150 -3.27 -30.95 -3.66
CA ASN B 150 -1.97 -30.47 -3.27
C ASN B 150 -0.80 -31.27 -3.85
N ASP B 151 -0.71 -32.53 -3.44
CA ASP B 151 0.49 -33.32 -3.71
C ASP B 151 0.63 -33.70 -5.20
N VAL B 152 -0.50 -34.02 -5.83
N VAL B 152 -0.47 -34.03 -5.88
CA VAL B 152 -0.52 -34.33 -7.26
CA VAL B 152 -0.35 -34.35 -7.31
C VAL B 152 -0.03 -33.13 -8.06
C VAL B 152 -0.13 -33.12 -8.18
N SER B 153 -0.41 -31.93 -7.64
CA SER B 153 0.01 -30.70 -8.32
C SER B 153 1.51 -30.49 -8.14
N ILE B 154 2.00 -30.75 -6.94
CA ILE B 154 3.45 -30.68 -6.68
C ILE B 154 4.25 -31.54 -7.66
N ASP B 155 3.75 -32.74 -7.95
CA ASP B 155 4.47 -33.63 -8.88
C ASP B 155 4.72 -32.95 -10.22
N VAL B 156 3.70 -32.22 -10.71
CA VAL B 156 3.85 -31.49 -11.97
C VAL B 156 4.79 -30.28 -11.82
N LEU B 157 4.65 -29.55 -10.72
CA LEU B 157 5.52 -28.40 -10.44
C LEU B 157 6.99 -28.78 -10.36
N VAL B 158 7.26 -29.97 -9.83
CA VAL B 158 8.62 -30.48 -9.76
C VAL B 158 9.18 -30.71 -11.17
N ARG B 159 8.38 -31.35 -12.03
CA ARG B 159 8.82 -31.56 -13.41
C ARG B 159 9.08 -30.22 -14.10
N GLN B 160 8.21 -29.25 -13.84
CA GLN B 160 8.35 -27.92 -14.42
C GLN B 160 9.64 -27.24 -13.93
N ALA B 161 9.87 -27.25 -12.62
CA ALA B 161 11.07 -26.66 -12.06
C ALA B 161 12.33 -27.29 -12.64
N LEU B 162 12.34 -28.61 -12.77
CA LEU B 162 13.50 -29.28 -13.37
C LEU B 162 13.72 -28.82 -14.82
N SER B 163 12.63 -28.68 -15.58
CA SER B 163 12.74 -28.20 -16.95
C SER B 163 13.30 -26.79 -17.05
N HIS B 164 12.99 -25.93 -16.07
CA HIS B 164 13.55 -24.58 -16.04
C HIS B 164 15.03 -24.61 -15.71
N ALA B 165 15.42 -25.46 -14.76
CA ALA B 165 16.83 -25.61 -14.41
C ALA B 165 17.61 -26.11 -15.64
N GLU B 166 17.02 -27.06 -16.37
CA GLU B 166 17.68 -27.59 -17.56
C GLU B 166 17.83 -26.51 -18.63
N ALA B 167 16.86 -25.61 -18.70
CA ALA B 167 16.92 -24.48 -19.63
C ALA B 167 17.94 -23.40 -19.23
N GLY B 168 18.45 -23.49 -18.00
CA GLY B 168 19.49 -22.60 -17.50
C GLY B 168 19.03 -21.49 -16.57
N ALA B 169 17.78 -21.53 -16.11
CA ALA B 169 17.29 -20.50 -15.19
C ALA B 169 18.13 -20.54 -13.92
N GLN B 170 18.58 -19.37 -13.46
CA GLN B 170 19.32 -19.31 -12.19
C GLN B 170 18.39 -19.36 -10.98
N VAL B 171 17.14 -18.96 -11.17
CA VAL B 171 16.16 -18.92 -10.08
C VAL B 171 14.85 -19.49 -10.60
N VAL B 172 14.26 -20.40 -9.84
CA VAL B 172 12.88 -20.81 -10.08
C VAL B 172 12.03 -20.28 -8.93
N ALA B 173 10.85 -19.77 -9.26
CA ALA B 173 10.00 -19.11 -8.27
C ALA B 173 8.61 -19.74 -8.24
N PRO B 174 8.42 -20.71 -7.31
CA PRO B 174 7.11 -21.35 -7.19
C PRO B 174 6.06 -20.40 -6.61
N SER B 175 5.06 -20.08 -7.44
CA SER B 175 4.03 -19.10 -7.09
C SER B 175 2.67 -19.72 -6.80
N ASP B 176 2.67 -21.03 -6.64
CA ASP B 176 1.47 -21.89 -6.60
C ASP B 176 0.73 -21.99 -5.26
N MET B 177 1.43 -21.78 -4.15
CA MET B 177 0.83 -21.92 -2.80
C MET B 177 0.27 -23.32 -2.50
N MET B 178 0.91 -24.35 -3.04
CA MET B 178 0.70 -25.71 -2.53
C MET B 178 1.56 -25.90 -1.29
N ASP B 179 1.04 -26.62 -0.30
CA ASP B 179 1.83 -26.91 0.90
C ASP B 179 3.02 -27.80 0.55
N GLY B 180 4.17 -27.52 1.15
CA GLY B 180 5.33 -28.39 1.01
C GLY B 180 6.04 -28.39 -0.33
N ARG B 181 5.62 -27.53 -1.26
CA ARG B 181 6.21 -27.61 -2.61
C ARG B 181 7.67 -27.16 -2.66
N ILE B 182 8.07 -26.25 -1.79
CA ILE B 182 9.47 -25.80 -1.78
C ILE B 182 10.40 -26.97 -1.49
N GLY B 183 10.07 -27.75 -0.46
CA GLY B 183 10.88 -28.94 -0.12
C GLY B 183 10.95 -29.96 -1.23
N ALA B 184 9.81 -30.21 -1.87
CA ALA B 184 9.76 -31.19 -2.97
C ALA B 184 10.61 -30.73 -4.14
N ILE B 185 10.52 -29.43 -4.45
CA ILE B 185 11.29 -28.87 -5.55
C ILE B 185 12.78 -28.87 -5.20
N ARG B 186 13.13 -28.45 -4.00
CA ARG B 186 14.53 -28.48 -3.57
C ARG B 186 15.12 -29.88 -3.64
N GLU B 187 14.40 -30.86 -3.12
CA GLU B 187 14.86 -32.26 -3.14
C GLU B 187 15.16 -32.69 -4.56
N ALA B 188 14.25 -32.35 -5.48
CA ALA B 188 14.39 -32.70 -6.90
C ALA B 188 15.58 -32.01 -7.55
N LEU B 189 15.77 -30.73 -7.27
CA LEU B 189 16.90 -29.99 -7.82
C LEU B 189 18.21 -30.59 -7.33
N GLU B 190 18.29 -30.85 -6.02
CA GLU B 190 19.49 -31.42 -5.45
C GLU B 190 19.82 -32.78 -6.05
N SER B 191 18.83 -33.66 -6.16
N SER B 191 18.82 -33.65 -6.15
CA SER B 191 19.09 -35.01 -6.65
CA SER B 191 19.01 -35.01 -6.67
CA SER B 191 18.81 -35.26 -6.78
C SER B 191 19.54 -35.00 -8.12
C SER B 191 19.54 -34.99 -8.10
C SER B 191 19.22 -35.21 -8.26
N ALA B 192 19.01 -34.05 -8.88
CA ALA B 192 19.37 -33.90 -10.30
C ALA B 192 20.67 -33.12 -10.52
N GLY B 193 21.30 -32.67 -9.44
CA GLY B 193 22.58 -31.98 -9.54
C GLY B 193 22.50 -30.49 -9.82
N HIS B 194 21.30 -29.92 -9.68
CA HIS B 194 21.11 -28.48 -9.86
C HIS B 194 21.40 -27.77 -8.53
N THR B 195 22.63 -27.94 -8.10
CA THR B 195 23.10 -27.48 -6.80
C THR B 195 22.85 -26.00 -6.51
N ASN B 196 22.99 -25.17 -7.54
CA ASN B 196 23.02 -23.73 -7.36
C ASN B 196 21.80 -22.99 -7.88
N VAL B 197 20.81 -23.73 -8.35
N VAL B 197 20.81 -23.71 -8.38
CA VAL B 197 19.56 -23.11 -8.77
CA VAL B 197 19.58 -23.05 -8.82
C VAL B 197 18.86 -22.59 -7.53
C VAL B 197 18.78 -22.60 -7.60
N ARG B 198 18.61 -21.29 -7.50
CA ARG B 198 17.91 -20.68 -6.36
C ARG B 198 16.41 -20.97 -6.44
N VAL B 199 15.79 -21.04 -5.27
CA VAL B 199 14.35 -21.14 -5.17
C VAL B 199 13.85 -19.89 -4.46
N MET B 200 13.09 -19.07 -5.18
N MET B 200 13.07 -19.10 -5.19
CA MET B 200 12.45 -17.91 -4.63
CA MET B 200 12.40 -17.92 -4.69
C MET B 200 11.00 -18.27 -4.33
C MET B 200 10.97 -18.32 -4.35
N ALA B 201 10.71 -18.59 -3.07
CA ALA B 201 9.38 -19.03 -2.66
C ALA B 201 8.43 -17.86 -2.61
N TYR B 202 7.27 -17.98 -3.26
CA TYR B 202 6.16 -17.08 -2.97
C TYR B 202 5.56 -17.64 -1.68
N SER B 203 5.98 -17.09 -0.55
CA SER B 203 5.70 -17.74 0.74
C SER B 203 4.36 -17.33 1.32
N ALA B 204 4.15 -16.02 1.39
CA ALA B 204 2.91 -15.45 1.90
C ALA B 204 2.24 -14.75 0.74
N LYS B 205 1.48 -15.52 -0.02
CA LYS B 205 0.78 -15.04 -1.21
C LYS B 205 -0.71 -15.08 -0.91
N TYR B 206 -1.32 -13.90 -0.95
CA TYR B 206 -2.70 -13.68 -0.51
C TYR B 206 -3.72 -13.81 -1.63
N ALA B 207 -4.92 -14.26 -1.28
CA ALA B 207 -6.05 -14.27 -2.20
C ALA B 207 -6.46 -12.81 -2.34
N SER B 208 -6.31 -12.25 -3.54
CA SER B 208 -6.42 -10.80 -3.69
C SER B 208 -7.17 -10.37 -4.94
N ALA B 209 -7.88 -9.26 -4.82
CA ALA B 209 -8.50 -8.59 -5.95
C ALA B 209 -7.47 -7.84 -6.82
N TYR B 210 -6.25 -7.67 -6.28
CA TYR B 210 -5.23 -6.89 -6.99
C TYR B 210 -4.59 -7.62 -8.17
N TYR B 211 -4.92 -8.89 -8.37
CA TYR B 211 -4.35 -9.67 -9.48
C TYR B 211 -5.12 -9.55 -10.79
N GLY B 212 -6.23 -8.82 -10.80
CA GLY B 212 -7.07 -8.73 -12.00
C GLY B 212 -6.34 -8.45 -13.30
N PRO B 213 -5.58 -7.35 -13.35
CA PRO B 213 -4.90 -7.03 -14.61
C PRO B 213 -3.91 -8.09 -15.11
N PHE B 214 -3.22 -8.77 -14.20
CA PHE B 214 -2.31 -9.86 -14.57
C PHE B 214 -3.05 -10.96 -15.32
N ARG B 215 -4.24 -11.29 -14.84
N ARG B 215 -4.31 -11.18 -14.95
CA ARG B 215 -5.00 -12.41 -15.40
CA ARG B 215 -5.19 -12.10 -15.67
C ARG B 215 -5.32 -12.12 -16.86
C ARG B 215 -5.45 -11.63 -17.11
N ASP B 216 -5.57 -10.83 -17.15
N ASP B 216 -5.66 -10.33 -17.31
CA ASP B 216 -5.72 -10.32 -18.52
CA ASP B 216 -5.75 -9.76 -18.64
C ASP B 216 -4.42 -10.44 -19.31
C ASP B 216 -4.46 -10.05 -19.41
N ALA B 217 -3.33 -9.93 -18.74
CA ALA B 217 -2.01 -10.02 -19.37
C ALA B 217 -1.64 -11.43 -19.85
N VAL B 218 -1.86 -12.44 -19.01
CA VAL B 218 -1.43 -13.79 -19.35
C VAL B 218 -2.49 -14.60 -20.08
N GLY B 219 -3.71 -14.07 -20.12
CA GLY B 219 -4.84 -14.73 -20.76
C GLY B 219 -5.41 -15.88 -19.96
N SER B 220 -5.39 -15.77 -18.63
N SER B 220 -5.39 -15.75 -18.63
CA SER B 220 -5.90 -16.83 -17.76
CA SER B 220 -6.06 -16.68 -17.72
C SER B 220 -7.41 -16.71 -17.56
C SER B 220 -7.25 -16.00 -17.08
N ASN B 228 -12.05 -22.79 -5.08
CA ASN B 228 -11.74 -21.37 -5.07
C ASN B 228 -10.30 -21.07 -4.59
N LYS B 229 -9.77 -19.92 -4.96
CA LYS B 229 -8.39 -19.55 -4.61
C LYS B 229 -8.19 -19.44 -3.12
N ALA B 230 -9.27 -19.19 -2.40
CA ALA B 230 -9.24 -19.13 -0.92
C ALA B 230 -8.85 -20.44 -0.25
N THR B 231 -8.86 -21.55 -0.99
CA THR B 231 -8.44 -22.83 -0.41
C THR B 231 -6.94 -23.05 -0.49
N TYR B 232 -6.21 -22.10 -1.08
CA TYR B 232 -4.75 -22.17 -1.05
C TYR B 232 -4.03 -20.85 -0.82
N GLN B 233 -4.48 -19.78 -1.48
CA GLN B 233 -3.93 -18.46 -1.22
C GLN B 233 -4.45 -17.95 0.11
N MET B 234 -3.68 -17.08 0.75
CA MET B 234 -4.00 -16.66 2.13
C MET B 234 -5.12 -15.65 2.26
N ASP B 235 -5.82 -15.73 3.39
CA ASP B 235 -6.82 -14.73 3.75
C ASP B 235 -6.11 -13.39 4.03
N PRO B 236 -6.51 -12.32 3.31
CA PRO B 236 -5.95 -10.99 3.57
C PRO B 236 -5.94 -10.58 5.05
N ALA B 237 -6.85 -11.13 5.86
CA ALA B 237 -6.94 -10.77 7.28
C ALA B 237 -5.77 -11.25 8.12
N ASN B 238 -4.99 -12.21 7.61
CA ASN B 238 -4.11 -12.96 8.47
C ASN B 238 -2.64 -12.57 8.36
N SER B 239 -2.03 -12.25 9.50
N SER B 239 -2.03 -12.28 9.50
CA SER B 239 -0.64 -11.82 9.59
CA SER B 239 -0.65 -11.83 9.59
C SER B 239 0.24 -12.86 10.26
C SER B 239 0.26 -12.84 10.28
N ASP B 240 -0.17 -13.37 11.43
CA ASP B 240 0.61 -14.39 12.13
C ASP B 240 0.81 -15.60 11.22
N GLU B 241 -0.22 -15.96 10.46
N GLU B 241 -0.23 -15.95 10.47
CA GLU B 241 -0.15 -17.10 9.56
CA GLU B 241 -0.17 -17.09 9.55
C GLU B 241 1.01 -16.99 8.55
C GLU B 241 1.02 -16.98 8.58
N ALA B 242 1.31 -15.76 8.13
CA ALA B 242 2.41 -15.53 7.18
C ALA B 242 3.76 -15.96 7.75
N LEU B 243 3.94 -15.83 9.06
CA LEU B 243 5.19 -16.25 9.70
C LEU B 243 5.37 -17.77 9.61
N HIS B 244 4.27 -18.51 9.74
N HIS B 244 4.25 -18.49 9.75
CA HIS B 244 4.33 -19.95 9.65
CA HIS B 244 4.25 -19.95 9.66
C HIS B 244 4.65 -20.38 8.22
C HIS B 244 4.55 -20.43 8.25
N GLU B 245 4.06 -19.69 7.25
CA GLU B 245 4.37 -19.98 5.85
C GLU B 245 5.84 -19.78 5.54
N VAL B 246 6.40 -18.65 5.96
CA VAL B 246 7.81 -18.36 5.70
C VAL B 246 8.73 -19.34 6.43
N ALA B 247 8.41 -19.65 7.69
CA ALA B 247 9.25 -20.57 8.48
C ALA B 247 9.38 -21.91 7.76
N ALA B 248 8.26 -22.41 7.23
CA ALA B 248 8.26 -23.69 6.53
C ALA B 248 9.09 -23.62 5.27
N ASP B 249 8.95 -22.53 4.53
CA ASP B 249 9.67 -22.41 3.26
C ASP B 249 11.18 -22.29 3.46
N LEU B 250 11.59 -21.62 4.53
CA LEU B 250 13.01 -21.57 4.85
C LEU B 250 13.52 -22.94 5.29
N ALA B 251 12.75 -23.63 6.15
CA ALA B 251 13.15 -25.00 6.54
C ALA B 251 13.26 -25.91 5.32
N GLU B 252 12.36 -25.70 4.36
CA GLU B 252 12.31 -26.52 3.15
C GLU B 252 13.38 -26.19 2.10
N GLY B 253 14.17 -25.14 2.35
CA GLY B 253 15.31 -24.84 1.49
C GLY B 253 15.25 -23.61 0.62
N ALA B 254 14.22 -22.77 0.77
CA ALA B 254 14.13 -21.57 -0.08
C ALA B 254 15.35 -20.69 0.14
N ASP B 255 15.88 -20.11 -0.95
CA ASP B 255 16.98 -19.14 -0.82
C ASP B 255 16.48 -17.71 -0.63
N MET B 256 15.26 -17.45 -1.07
N MET B 256 15.24 -17.48 -1.02
CA MET B 256 14.60 -16.15 -0.90
CA MET B 256 14.61 -16.16 -0.93
C MET B 256 13.16 -16.47 -0.58
C MET B 256 13.12 -16.40 -0.69
N VAL B 257 12.51 -15.56 0.13
CA VAL B 257 11.08 -15.68 0.43
C VAL B 257 10.36 -14.41 0.01
N MET B 258 9.12 -14.54 -0.45
CA MET B 258 8.40 -13.40 -1.00
C MET B 258 7.02 -13.23 -0.39
N VAL B 259 6.66 -11.95 -0.25
CA VAL B 259 5.34 -11.51 0.14
C VAL B 259 4.67 -10.92 -1.10
O7 LET B 260 -0.53 -16.78 -11.49
O4 LET B 260 -3.13 -16.02 -8.98
O4 LET B 260 -3.83 -14.57 -10.42
C11 LET B 260 -2.97 -15.36 -10.03
C11 LET B 260 -3.21 -15.14 -9.50
O3 LET B 260 -3.77 -15.40 -11.00
O3 LET B 260 -3.81 -15.89 -8.68
C10 LET B 260 -1.77 -14.45 -10.17
C10 LET B 260 -1.72 -14.91 -9.39
C9 LET B 260 -0.51 -15.19 -9.72
C9 LET B 260 -0.99 -16.20 -8.97
C8 LET B 260 0.15 -16.02 -10.80
C8 LET B 260 0.50 -15.99 -8.79
C7 LET B 260 1.65 -15.93 -11.11
C7 LET B 260 1.40 -16.27 -10.00
O6 LET B 260 2.53 -15.47 -10.08
O6 LET B 260 2.63 -15.52 -10.06
C5 LET B 260 2.91 -14.10 -10.35
C5 LET B 260 2.36 -14.15 -10.54
C4 LET B 260 2.29 -13.05 -9.45
C4 LET B 260 1.96 -13.11 -9.51
C3 LET B 260 2.01 -11.65 -9.98
C3 LET B 260 1.80 -11.65 -9.95
C2 LET B 260 0.54 -11.42 -10.28
C2 LET B 260 0.32 -11.30 -10.15
C1 LET B 260 0.21 -9.95 -10.53
C1 LET B 260 0.08 -9.85 -10.53
O1 LET B 260 1.09 -9.15 -10.93
O1 LET B 260 0.98 -9.12 -11.00
O2 LET B 260 -0.97 -9.60 -10.31
O2 LET B 260 -1.09 -9.44 -10.37
NZ LET B 260 2.03 -13.34 -8.25
NZ LET B 260 1.75 -13.42 -8.29
CE LET B 260 1.45 -12.48 -7.22
CE LET B 260 1.37 -12.49 -7.21
CD LET B 260 2.47 -12.42 -6.09
CD LET B 260 2.20 -12.79 -5.97
CG LET B 260 1.96 -11.59 -4.93
CG LET B 260 1.92 -11.73 -4.90
CB LET B 260 2.59 -12.08 -3.62
CB LET B 260 2.83 -11.91 -3.70
CA LET B 260 2.39 -11.08 -2.49
CA LET B 260 2.53 -10.88 -2.61
N LET B 260 3.04 -11.58 -1.30
N LET B 260 3.25 -11.21 -1.40
C LET B 260 0.94 -10.92 -2.15
C LET B 260 1.08 -10.87 -2.24
O LET B 260 0.43 -11.79 -1.44
O LET B 260 0.65 -11.84 -1.63
N PRO B 261 0.30 -9.79 -2.53
CA PRO B 261 0.74 -8.51 -3.10
C PRO B 261 1.68 -7.72 -2.19
N GLY B 262 1.94 -6.48 -2.60
CA GLY B 262 3.07 -5.74 -2.04
C GLY B 262 2.67 -4.63 -1.11
N MET B 263 2.31 -3.49 -1.68
N MET B 263 2.34 -3.48 -1.68
CA MET B 263 2.02 -2.35 -0.84
CA MET B 263 1.93 -2.30 -0.90
C MET B 263 0.83 -2.58 0.13
C MET B 263 0.87 -2.64 0.14
N PRO B 264 -0.22 -3.32 -0.28
CA PRO B 264 -1.28 -3.62 0.70
C PRO B 264 -0.83 -4.57 1.82
N TYR B 265 0.42 -5.03 1.77
CA TYR B 265 0.94 -6.02 2.74
C TYR B 265 2.31 -5.61 3.30
N LEU B 266 2.61 -4.31 3.34
CA LEU B 266 3.92 -3.86 3.84
C LEU B 266 4.17 -4.25 5.29
N ASP B 267 3.11 -4.35 6.09
CA ASP B 267 3.26 -4.82 7.47
C ASP B 267 3.77 -6.26 7.51
N ILE B 268 3.34 -7.07 6.53
CA ILE B 268 3.83 -8.46 6.43
C ILE B 268 5.32 -8.50 6.06
N VAL B 269 5.72 -7.67 5.08
CA VAL B 269 7.11 -7.56 4.72
C VAL B 269 7.94 -7.23 5.96
N ARG B 270 7.47 -6.26 6.76
CA ARG B 270 8.19 -5.82 7.94
C ARG B 270 8.35 -6.95 8.95
N ARG B 271 7.25 -7.65 9.24
CA ARG B 271 7.28 -8.74 10.20
C ARG B 271 8.18 -9.86 9.72
N VAL B 272 8.11 -10.19 8.43
CA VAL B 272 8.90 -11.29 7.89
C VAL B 272 10.41 -11.01 7.95
N LYS B 273 10.80 -9.80 7.54
N LYS B 273 10.80 -9.80 7.56
CA LYS B 273 12.21 -9.43 7.65
CA LYS B 273 12.21 -9.41 7.64
C LYS B 273 12.66 -9.44 9.11
C LYS B 273 12.70 -9.36 9.09
N ASP B 274 11.84 -8.86 9.99
CA ASP B 274 12.20 -8.74 11.41
C ASP B 274 12.39 -10.11 12.06
N GLU B 275 11.53 -11.06 11.72
N GLU B 275 11.52 -11.05 11.72
CA GLU B 275 11.55 -12.35 12.41
CA GLU B 275 11.54 -12.34 12.39
C GLU B 275 12.56 -13.34 11.87
C GLU B 275 12.65 -13.24 11.89
N PHE B 276 12.78 -13.32 10.56
CA PHE B 276 13.64 -14.34 9.92
C PHE B 276 15.00 -13.88 9.46
N ARG B 277 15.13 -12.57 9.22
N ARG B 277 15.14 -12.57 9.23
N ARG B 277 15.13 -12.56 9.24
CA ARG B 277 16.39 -11.97 8.78
CA ARG B 277 16.42 -11.99 8.81
CA ARG B 277 16.40 -11.96 8.79
C ARG B 277 16.97 -12.76 7.61
C ARG B 277 16.98 -12.71 7.59
C ARG B 277 16.98 -12.72 7.59
N ALA B 278 16.10 -13.01 6.64
CA ALA B 278 16.45 -13.77 5.43
C ALA B 278 16.17 -12.90 4.21
N PRO B 279 16.71 -13.26 3.04
CA PRO B 279 16.45 -12.43 1.85
C PRO B 279 14.95 -12.39 1.52
N THR B 280 14.37 -11.19 1.57
CA THR B 280 12.92 -11.01 1.55
C THR B 280 12.52 -10.18 0.34
N PHE B 281 11.59 -10.70 -0.44
CA PHE B 281 11.19 -10.04 -1.68
C PHE B 281 9.72 -9.71 -1.61
N VAL B 282 9.30 -8.79 -2.47
CA VAL B 282 7.92 -8.37 -2.47
C VAL B 282 7.48 -8.09 -3.91
N TYR B 283 6.24 -8.47 -4.24
CA TYR B 283 5.72 -8.26 -5.58
C TYR B 283 4.74 -7.09 -5.59
N GLN B 284 5.08 -6.03 -6.31
CA GLN B 284 4.15 -4.93 -6.55
C GLN B 284 3.31 -5.38 -7.75
N VAL B 285 2.13 -5.90 -7.45
CA VAL B 285 1.38 -6.66 -8.44
C VAL B 285 0.70 -5.79 -9.49
N SER B 286 0.17 -6.45 -10.50
CA SER B 286 -0.46 -5.80 -11.65
C SER B 286 -1.49 -4.74 -11.25
N GLY B 287 -2.34 -5.04 -10.27
CA GLY B 287 -3.35 -4.08 -9.81
C GLY B 287 -2.74 -2.87 -9.15
N GLU B 288 -1.63 -3.04 -8.43
CA GLU B 288 -0.91 -1.90 -7.87
C GLU B 288 -0.32 -1.04 -8.99
N TYR B 289 0.30 -1.69 -9.98
CA TYR B 289 0.81 -0.98 -11.14
C TYR B 289 -0.32 -0.22 -11.84
N ALA B 290 -1.42 -0.90 -12.12
CA ALA B 290 -2.50 -0.31 -12.89
C ALA B 290 -3.12 0.89 -12.18
N MET B 291 -3.30 0.77 -10.86
N MET B 291 -3.31 0.80 -10.87
CA MET B 291 -3.87 1.88 -10.08
CA MET B 291 -3.94 1.92 -10.17
C MET B 291 -3.01 3.12 -10.20
C MET B 291 -3.03 3.16 -10.07
N HIS B 292 -1.71 2.93 -9.99
CA HIS B 292 -0.75 4.03 -10.02
C HIS B 292 -0.67 4.63 -11.41
N MET B 293 -0.47 3.78 -12.43
N MET B 293 -0.49 3.78 -12.41
CA MET B 293 -0.32 4.27 -13.79
CA MET B 293 -0.31 4.25 -13.78
C MET B 293 -1.58 4.98 -14.28
C MET B 293 -1.57 4.97 -14.29
N GLY B 294 -2.75 4.43 -13.96
CA GLY B 294 -4.02 5.08 -14.33
C GLY B 294 -4.13 6.47 -13.73
N ALA B 295 -3.78 6.60 -12.45
CA ALA B 295 -3.86 7.89 -11.76
C ALA B 295 -2.86 8.89 -12.33
N ILE B 296 -1.67 8.40 -12.67
CA ILE B 296 -0.65 9.26 -13.31
C ILE B 296 -1.14 9.72 -14.69
N GLN B 297 -1.63 8.80 -15.49
N GLN B 297 -1.66 8.80 -15.50
CA GLN B 297 -2.10 9.15 -16.83
CA GLN B 297 -2.10 9.14 -16.86
C GLN B 297 -3.27 10.12 -16.78
C GLN B 297 -3.40 9.98 -16.90
N ASN B 298 -4.15 9.96 -15.80
CA ASN B 298 -5.31 10.83 -15.63
C ASN B 298 -4.91 12.24 -15.18
N GLY B 299 -3.66 12.39 -14.75
CA GLY B 299 -3.17 13.67 -14.20
C GLY B 299 -3.55 13.89 -12.74
N TRP B 300 -3.93 12.80 -12.06
CA TRP B 300 -4.36 12.90 -10.67
C TRP B 300 -3.20 12.82 -9.70
N LEU B 301 -2.16 12.08 -10.08
CA LEU B 301 -0.95 11.94 -9.27
C LEU B 301 0.28 12.20 -10.12
N ALA B 302 1.32 12.75 -9.49
CA ALA B 302 2.58 12.99 -10.16
C ALA B 302 3.38 11.70 -10.30
N GLU B 303 4.25 11.68 -11.30
N GLU B 303 4.26 11.67 -11.29
CA GLU B 303 5.15 10.57 -11.57
CA GLU B 303 5.14 10.52 -11.55
C GLU B 303 5.98 10.16 -10.35
C GLU B 303 6.01 10.15 -10.35
N SER B 304 6.24 11.12 -9.46
CA SER B 304 7.01 10.89 -8.23
C SER B 304 6.42 9.80 -7.33
N VAL B 305 5.13 9.47 -7.49
CA VAL B 305 4.55 8.41 -6.65
C VAL B 305 5.19 7.03 -6.94
N ILE B 306 5.74 6.86 -8.14
CA ILE B 306 6.41 5.60 -8.46
C ILE B 306 7.57 5.34 -7.50
N LEU B 307 8.50 6.28 -7.42
N LEU B 307 8.48 6.30 -7.42
CA LEU B 307 9.64 6.12 -6.52
CA LEU B 307 9.63 6.19 -6.54
C LEU B 307 9.20 6.11 -5.05
C LEU B 307 9.20 6.10 -5.08
N GLU B 308 8.15 6.85 -4.71
CA GLU B 308 7.64 6.80 -3.35
C GLU B 308 7.13 5.40 -2.99
N SER B 309 6.41 4.78 -3.93
CA SER B 309 5.88 3.44 -3.69
C SER B 309 6.99 2.41 -3.55
N LEU B 310 8.05 2.57 -4.34
CA LEU B 310 9.16 1.62 -4.31
C LEU B 310 10.07 1.81 -3.09
N THR B 311 10.26 3.07 -2.69
CA THR B 311 10.97 3.38 -1.47
C THR B 311 10.27 2.74 -0.26
N ALA B 312 8.93 2.72 -0.28
CA ALA B 312 8.16 2.07 0.79
C ALA B 312 8.59 0.63 0.99
N PHE B 313 8.78 -0.10 -0.10
CA PHE B 313 9.18 -1.49 0.03
C PHE B 313 10.53 -1.64 0.72
N LYS B 314 11.47 -0.75 0.39
CA LYS B 314 12.78 -0.80 1.01
C LYS B 314 12.68 -0.51 2.51
N ARG B 315 11.95 0.55 2.84
CA ARG B 315 11.77 0.95 4.23
C ARG B 315 11.11 -0.19 5.03
N ALA B 316 10.17 -0.88 4.40
CA ALA B 316 9.42 -1.96 5.05
C ALA B 316 10.26 -3.23 5.26
N GLY B 317 11.42 -3.30 4.61
CA GLY B 317 12.35 -4.40 4.81
C GLY B 317 12.60 -5.30 3.62
N ALA B 318 12.10 -4.93 2.44
CA ALA B 318 12.34 -5.77 1.26
C ALA B 318 13.76 -5.61 0.72
N ASP B 319 14.34 -6.75 0.33
CA ASP B 319 15.63 -6.79 -0.36
C ASP B 319 15.49 -6.60 -1.87
N GLY B 320 14.33 -6.94 -2.40
CA GLY B 320 14.10 -6.80 -3.83
C GLY B 320 12.61 -6.73 -4.09
N ILE B 321 12.28 -6.11 -5.21
CA ILE B 321 10.91 -5.79 -5.56
C ILE B 321 10.65 -6.22 -7.00
N LEU B 322 9.67 -7.08 -7.18
CA LEU B 322 9.18 -7.39 -8.52
C LEU B 322 8.17 -6.32 -8.88
N THR B 323 8.48 -5.55 -9.92
CA THR B 323 7.68 -4.37 -10.23
C THR B 323 7.63 -4.10 -11.73
N TYR B 324 6.42 -3.85 -12.24
CA TYR B 324 6.24 -3.50 -13.65
C TYR B 324 6.78 -2.10 -13.97
N PHE B 325 7.10 -1.34 -12.93
CA PHE B 325 7.74 -0.03 -13.06
C PHE B 325 9.27 -0.12 -13.14
N ALA B 326 9.83 -1.34 -13.21
CA ALA B 326 11.30 -1.46 -13.08
C ALA B 326 12.09 -0.59 -14.04
N LYS B 327 11.70 -0.58 -15.32
CA LYS B 327 12.45 0.22 -16.29
C LYS B 327 12.35 1.73 -16.00
N GLN B 328 11.13 2.19 -15.77
N GLN B 328 11.13 2.20 -15.76
CA GLN B 328 10.88 3.61 -15.48
CA GLN B 328 10.92 3.63 -15.51
C GLN B 328 11.71 4.03 -14.27
C GLN B 328 11.67 4.06 -14.25
N ALA B 329 11.63 3.23 -13.21
CA ALA B 329 12.34 3.50 -11.97
C ALA B 329 13.85 3.52 -12.20
N ALA B 330 14.37 2.54 -12.94
CA ALA B 330 15.80 2.47 -13.25
C ALA B 330 16.27 3.69 -14.03
N GLU B 331 15.45 4.15 -14.97
CA GLU B 331 15.75 5.36 -15.73
C GLU B 331 15.82 6.60 -14.84
N GLN B 332 14.86 6.73 -13.93
N GLN B 332 14.87 6.72 -13.91
CA GLN B 332 14.84 7.84 -12.97
CA GLN B 332 14.83 7.84 -12.98
C GLN B 332 16.06 7.81 -12.07
C GLN B 332 15.99 7.82 -11.98
N LEU B 333 16.41 6.61 -11.59
CA LEU B 333 17.56 6.43 -10.70
C LEU B 333 18.87 6.72 -11.41
N ARG B 334 18.95 6.37 -12.70
CA ARG B 334 20.16 6.58 -13.51
C ARG B 334 20.42 8.08 -13.71
N ARG B 335 19.36 8.88 -13.83
CA ARG B 335 19.50 10.33 -13.86
C ARG B 335 19.55 10.91 -12.44
N GLY B 336 18.66 10.44 -11.57
MG MG C . 5.95 15.83 15.81
MG MG D . 3.42 -22.61 2.06
#